data_3DMY
#
_entry.id   3DMY
#
_cell.length_a   63.574
_cell.length_b   107.776
_cell.length_c   153.605
_cell.angle_alpha   90.00
_cell.angle_beta   90.00
_cell.angle_gamma   90.00
#
_symmetry.space_group_name_H-M   'P 21 21 21'
#
loop_
_entity.id
_entity.type
_entity.pdbx_description
1 polymer 'Protein fdrA'
2 water water
#
_entity_poly.entity_id   1
_entity_poly.type   'polypeptide(L)'
_entity_poly.pdbx_seq_one_letter_code
;(MSE)QQLEEALKQLAQGSGSSQALTQVRRWDSACQKLPDANLALISVAGEYAAELANQALDRNLNV(MSE)(MSE)FSD
NVTLEDEIQLKTRAREKGLLV(MSE)GPDCGTS(MSE)IAGTPLAFANV(MSE)PEGNIGVIGASGTGIQELCSQIALAG
EGITHAIGLGGRDLSREVGGISALTALE(MSE)LSADEKSEVLAFVSKPPAEAVRLKIVNA(MSE)KATGKPTVALFLGY
TPAVARDENVWFASSLDEAARLACLLSRVTARRNAIAPVSSGFICGLYTGGTLAAEAAGLLAGHLGVEADDTHQHG
(MSE)(MSE)LDADSHQIIDLGDDFYTVGRPHP(MSE)IDPTLRNQLIADLGAKPQVRVLLLDVVIGFGATADPAASLVS
AWQKACAARLDNQPLYAIATVTGTERDPQCRSQQIATLEDAGIAVVSSLPEATLLAAALIHPLSPAAQQHTPSLLENVAV
INIGLRSFALELQSASKPVVHYQWSPVAGGNKKLARLLERLQGHPHHH
;
_entity_poly.pdbx_strand_id   A,B
#
# COMPACT_ATOMS: atom_id res chain seq x y z
N ALA A 20 -4.33 -31.05 31.11
CA ALA A 20 -5.32 -32.14 31.05
C ALA A 20 -6.70 -31.59 30.70
N LEU A 21 -7.19 -31.91 29.51
CA LEU A 21 -8.50 -31.43 29.06
C LEU A 21 -9.63 -32.02 29.89
N THR A 22 -10.51 -31.15 30.38
CA THR A 22 -11.65 -31.57 31.19
C THR A 22 -12.82 -31.96 30.30
N GLN A 23 -12.91 -33.25 29.97
CA GLN A 23 -14.00 -33.73 29.13
C GLN A 23 -15.25 -33.98 29.97
N VAL A 24 -16.39 -34.07 29.31
CA VAL A 24 -17.66 -34.28 29.99
C VAL A 24 -18.64 -34.88 28.98
N ARG A 25 -19.85 -35.22 29.42
CA ARG A 25 -20.84 -35.80 28.51
C ARG A 25 -22.27 -35.32 28.76
N ARG A 26 -22.44 -34.39 29.69
CA ARG A 26 -23.75 -33.86 30.02
C ARG A 26 -23.61 -32.35 30.17
N TRP A 27 -24.66 -31.61 29.80
CA TRP A 27 -24.63 -30.16 29.92
C TRP A 27 -24.26 -29.72 31.32
N ASP A 28 -25.12 -30.02 32.29
CA ASP A 28 -24.89 -29.64 33.68
C ASP A 28 -23.49 -30.00 34.16
N SER A 29 -22.96 -31.12 33.68
CA SER A 29 -21.62 -31.55 34.07
C SER A 29 -20.58 -30.56 33.54
N ALA A 30 -20.87 -29.97 32.38
CA ALA A 30 -19.96 -29.01 31.78
C ALA A 30 -20.11 -27.66 32.47
N CYS A 31 -21.36 -27.33 32.83
CA CYS A 31 -21.64 -26.06 33.49
C CYS A 31 -21.14 -25.98 34.92
N GLN A 32 -20.86 -27.12 35.53
CA GLN A 32 -20.37 -27.12 36.89
C GLN A 32 -18.84 -27.13 36.86
N LYS A 33 -18.27 -27.76 35.84
CA LYS A 33 -16.83 -27.80 35.69
C LYS A 33 -16.35 -26.44 35.19
N LEU A 34 -17.31 -25.61 34.77
CA LEU A 34 -17.03 -24.27 34.27
C LEU A 34 -18.25 -23.39 34.55
N PRO A 35 -18.46 -23.03 35.81
CA PRO A 35 -19.58 -22.19 36.27
C PRO A 35 -19.81 -20.94 35.45
N ASP A 36 -18.73 -20.24 35.17
CA ASP A 36 -18.78 -19.00 34.41
C ASP A 36 -18.45 -19.16 32.93
N ALA A 37 -18.93 -20.24 32.33
CA ALA A 37 -18.71 -20.48 30.90
C ALA A 37 -19.43 -19.36 30.16
N ASN A 38 -18.84 -18.89 29.07
CA ASN A 38 -19.40 -17.80 28.31
C ASN A 38 -19.87 -18.14 26.90
N LEU A 39 -19.19 -19.08 26.27
CA LEU A 39 -19.51 -19.45 24.90
C LEU A 39 -19.55 -20.94 24.62
N ALA A 40 -20.48 -21.34 23.77
CA ALA A 40 -20.63 -22.73 23.37
C ALA A 40 -20.17 -22.82 21.92
N LEU A 41 -19.08 -23.55 21.69
CA LEU A 41 -18.54 -23.71 20.35
C LEU A 41 -19.02 -25.06 19.83
N ILE A 42 -20.04 -25.01 18.98
CA ILE A 42 -20.64 -26.22 18.42
C ILE A 42 -20.07 -26.62 17.07
N SER A 43 -19.57 -27.84 16.99
CA SER A 43 -19.01 -28.35 15.74
C SER A 43 -19.52 -29.76 15.43
N VAL A 44 -20.68 -30.09 15.96
CA VAL A 44 -21.31 -31.39 15.74
C VAL A 44 -21.91 -31.47 14.34
N ALA A 45 -22.44 -32.64 14.00
CA ALA A 45 -23.08 -32.83 12.70
C ALA A 45 -24.18 -31.79 12.57
N GLY A 46 -24.17 -31.10 11.43
CA GLY A 46 -25.14 -30.05 11.17
C GLY A 46 -26.57 -30.32 11.61
N GLU A 47 -27.07 -31.51 11.30
CA GLU A 47 -28.43 -31.88 11.65
C GLU A 47 -28.79 -31.64 13.11
N TYR A 48 -27.80 -31.64 13.99
CA TYR A 48 -28.04 -31.45 15.42
C TYR A 48 -27.53 -30.11 15.97
N ALA A 49 -26.78 -29.37 15.16
CA ALA A 49 -26.22 -28.10 15.62
C ALA A 49 -27.27 -27.15 16.19
N ALA A 50 -28.30 -26.86 15.40
CA ALA A 50 -29.37 -25.97 15.85
C ALA A 50 -29.92 -26.37 17.20
N GLU A 51 -30.10 -27.68 17.40
CA GLU A 51 -30.63 -28.20 18.66
C GLU A 51 -29.73 -27.80 19.82
N LEU A 52 -28.44 -28.11 19.70
CA LEU A 52 -27.47 -27.79 20.73
C LEU A 52 -27.30 -26.29 20.93
N ALA A 53 -27.58 -25.50 19.89
CA ALA A 53 -27.47 -24.05 19.99
C ALA A 53 -28.56 -23.53 20.90
N ASN A 54 -29.78 -24.03 20.70
CA ASN A 54 -30.89 -23.61 21.54
C ASN A 54 -30.69 -24.09 22.97
N GLN A 55 -30.06 -25.25 23.15
CA GLN A 55 -29.80 -25.76 24.48
C GLN A 55 -28.76 -24.86 25.14
N ALA A 56 -27.91 -24.25 24.31
CA ALA A 56 -26.87 -23.35 24.80
C ALA A 56 -27.52 -22.06 25.26
N LEU A 57 -28.42 -21.55 24.43
CA LEU A 57 -29.13 -20.32 24.74
C LEU A 57 -30.03 -20.51 25.97
N ASP A 58 -30.58 -21.71 26.15
CA ASP A 58 -31.43 -21.96 27.31
C ASP A 58 -30.61 -21.65 28.55
N ARG A 59 -29.30 -21.87 28.44
CA ARG A 59 -28.39 -21.62 29.54
C ARG A 59 -27.72 -20.25 29.38
N ASN A 60 -28.38 -19.42 28.58
CA ASN A 60 -27.95 -18.06 28.27
C ASN A 60 -26.47 -17.92 27.93
N LEU A 61 -26.00 -18.79 27.04
CA LEU A 61 -24.61 -18.79 26.61
C LEU A 61 -24.54 -18.28 25.17
N ASN A 62 -23.44 -17.63 24.84
CA ASN A 62 -23.26 -17.15 23.47
C ASN A 62 -22.89 -18.39 22.69
N VAL A 63 -23.19 -18.39 21.40
CA VAL A 63 -22.91 -19.55 20.58
C VAL A 63 -22.13 -19.24 19.31
N MSE A 64 -21.26 -20.17 18.96
CA MSE A 64 -20.53 -20.06 17.71
C MSE A 64 -20.68 -21.41 17.08
O MSE A 64 -20.22 -22.42 17.62
CB MSE A 64 -19.03 -19.79 17.90
CG MSE A 64 -18.32 -19.89 16.54
SE MSE A 64 -16.54 -19.18 16.48
CE MSE A 64 -15.78 -20.40 15.19
N MSE A 65 -21.35 -21.44 15.93
CA MSE A 65 -21.54 -22.69 15.24
C MSE A 65 -20.57 -22.82 14.09
O MSE A 65 -20.73 -22.18 13.04
CB MSE A 65 -22.96 -22.82 14.70
CG MSE A 65 -24.00 -23.26 15.72
SE MSE A 65 -25.76 -23.36 14.93
CE MSE A 65 -26.10 -21.47 14.77
N PHE A 66 -19.56 -23.65 14.28
CA PHE A 66 -18.61 -23.91 13.22
C PHE A 66 -19.31 -24.86 12.24
N SER A 67 -20.32 -25.56 12.75
CA SER A 67 -21.08 -26.54 11.99
C SER A 67 -21.75 -26.04 10.72
N ASP A 68 -21.58 -26.81 9.66
CA ASP A 68 -22.17 -26.51 8.38
C ASP A 68 -23.52 -27.25 8.36
N ASN A 69 -24.15 -27.33 7.20
CA ASN A 69 -25.42 -28.04 7.08
C ASN A 69 -26.49 -27.66 8.09
N VAL A 70 -26.79 -26.37 8.19
CA VAL A 70 -27.83 -25.90 9.09
C VAL A 70 -28.75 -25.06 8.23
N THR A 71 -30.06 -25.22 8.42
CA THR A 71 -31.03 -24.50 7.63
C THR A 71 -31.12 -23.01 7.96
N LEU A 72 -31.51 -22.22 6.96
CA LEU A 72 -31.69 -20.79 7.15
C LEU A 72 -32.66 -20.55 8.29
N GLU A 73 -33.77 -21.27 8.23
CA GLU A 73 -34.83 -21.19 9.23
C GLU A 73 -34.29 -21.33 10.64
N ASP A 74 -33.42 -22.31 10.86
CA ASP A 74 -32.86 -22.51 12.19
C ASP A 74 -31.90 -21.38 12.54
N GLU A 75 -31.11 -20.96 11.57
CA GLU A 75 -30.16 -19.86 11.77
C GLU A 75 -30.93 -18.60 12.14
N ILE A 76 -31.98 -18.30 11.37
CA ILE A 76 -32.78 -17.13 11.62
C ILE A 76 -33.42 -17.20 13.01
N GLN A 77 -33.90 -18.39 13.38
CA GLN A 77 -34.52 -18.59 14.68
C GLN A 77 -33.53 -18.35 15.81
N LEU A 78 -32.33 -18.91 15.66
CA LEU A 78 -31.29 -18.79 16.66
C LEU A 78 -30.77 -17.36 16.84
N LYS A 79 -30.57 -16.65 15.73
CA LYS A 79 -30.08 -15.28 15.78
C LYS A 79 -31.09 -14.29 16.34
N THR A 80 -32.37 -14.46 16.01
CA THR A 80 -33.41 -13.56 16.52
C THR A 80 -33.56 -13.84 18.01
N ARG A 81 -33.58 -15.11 18.38
CA ARG A 81 -33.72 -15.46 19.79
C ARG A 81 -32.53 -14.91 20.59
N ALA A 82 -31.35 -14.94 19.98
CA ALA A 82 -30.14 -14.44 20.64
C ALA A 82 -30.19 -12.93 20.82
N ARG A 83 -30.92 -12.26 19.93
CA ARG A 83 -31.08 -10.82 19.99
C ARG A 83 -31.94 -10.42 21.19
N GLU A 84 -33.13 -11.00 21.31
CA GLU A 84 -33.99 -10.66 22.43
C GLU A 84 -33.32 -11.00 23.75
N LYS A 85 -32.40 -11.95 23.72
CA LYS A 85 -31.70 -12.34 24.94
C LYS A 85 -30.43 -11.52 25.15
N GLY A 86 -30.08 -10.73 24.14
CA GLY A 86 -28.89 -9.91 24.24
C GLY A 86 -27.62 -10.74 24.16
N LEU A 87 -27.70 -11.85 23.42
CA LEU A 87 -26.57 -12.74 23.25
C LEU A 87 -26.12 -12.70 21.80
N LEU A 88 -25.02 -13.39 21.49
CA LEU A 88 -24.52 -13.42 20.13
C LEU A 88 -24.40 -14.85 19.59
N VAL A 89 -24.97 -15.06 18.41
CA VAL A 89 -24.91 -16.36 17.76
C VAL A 89 -24.11 -16.20 16.48
N MSE A 90 -22.89 -16.70 16.50
CA MSE A 90 -22.05 -16.61 15.32
C MSE A 90 -22.56 -17.72 14.41
O MSE A 90 -22.12 -18.87 14.46
CB MSE A 90 -20.57 -16.71 15.73
CG MSE A 90 -20.17 -15.47 16.55
SE MSE A 90 -18.46 -15.43 17.46
CE MSE A 90 -19.05 -15.64 19.29
N GLY A 91 -23.57 -17.33 13.62
CA GLY A 91 -24.27 -18.19 12.67
C GLY A 91 -23.55 -19.40 12.13
N PRO A 92 -24.31 -20.39 11.61
CA PRO A 92 -23.74 -21.62 11.05
C PRO A 92 -22.63 -21.38 10.04
N ASP A 93 -21.81 -22.41 9.83
CA ASP A 93 -20.70 -22.38 8.91
C ASP A 93 -19.74 -21.20 9.16
N CYS A 94 -19.43 -20.97 10.43
CA CYS A 94 -18.52 -19.91 10.82
C CYS A 94 -17.21 -20.58 11.15
N GLY A 95 -16.26 -20.50 10.22
CA GLY A 95 -14.98 -21.14 10.40
C GLY A 95 -13.93 -20.46 11.25
N THR A 96 -14.12 -19.16 11.50
CA THR A 96 -13.14 -18.40 12.26
C THR A 96 -13.64 -17.31 13.19
N SER A 97 -12.96 -17.22 14.33
CA SER A 97 -13.25 -16.21 15.35
C SER A 97 -12.09 -16.19 16.33
N MSE A 98 -11.85 -15.02 16.91
CA MSE A 98 -10.78 -14.84 17.87
C MSE A 98 -11.26 -13.74 18.79
O MSE A 98 -11.19 -12.56 18.45
CB MSE A 98 -9.49 -14.44 17.11
CG MSE A 98 -9.11 -15.48 16.04
SE MSE A 98 -7.81 -14.94 14.71
CE MSE A 98 -8.95 -14.60 13.22
N ILE A 99 -11.78 -14.13 19.94
CA ILE A 99 -12.30 -13.17 20.90
C ILE A 99 -11.48 -13.14 22.18
N ALA A 100 -11.09 -11.94 22.60
CA ALA A 100 -10.28 -11.78 23.80
C ALA A 100 -9.07 -12.69 23.79
N GLY A 101 -8.41 -12.79 22.64
CA GLY A 101 -7.23 -13.63 22.51
C GLY A 101 -7.54 -15.11 22.49
N THR A 102 -8.82 -15.46 22.39
CA THR A 102 -9.20 -16.87 22.37
C THR A 102 -9.43 -17.39 20.96
N PRO A 103 -8.66 -18.41 20.54
CA PRO A 103 -8.83 -18.95 19.19
C PRO A 103 -10.03 -19.90 19.09
N LEU A 104 -10.95 -19.58 18.18
CA LEU A 104 -12.13 -20.40 17.98
C LEU A 104 -12.14 -20.99 16.57
N ALA A 105 -11.94 -22.31 16.48
CA ALA A 105 -11.89 -23.02 15.19
C ALA A 105 -10.62 -22.65 14.44
N PHE A 106 -10.73 -22.27 13.18
CA PHE A 106 -9.54 -21.90 12.41
C PHE A 106 -9.11 -20.47 12.71
N ALA A 107 -8.30 -20.32 13.75
CA ALA A 107 -7.82 -19.01 14.16
C ALA A 107 -6.30 -18.93 14.08
N ASN A 108 -5.78 -17.72 14.20
CA ASN A 108 -4.35 -17.46 14.14
C ASN A 108 -3.92 -16.69 15.37
N VAL A 109 -2.64 -16.80 15.73
CA VAL A 109 -2.13 -16.07 16.88
C VAL A 109 -1.83 -14.66 16.35
N MSE A 110 -2.58 -13.69 16.85
CA MSE A 110 -2.46 -12.31 16.42
C MSE A 110 -1.83 -11.36 17.42
O MSE A 110 -2.01 -11.50 18.62
CB MSE A 110 -3.84 -11.77 16.06
CG MSE A 110 -4.40 -12.30 14.76
SE MSE A 110 -3.44 -11.64 13.25
CE MSE A 110 -3.97 -9.79 13.42
N PRO A 111 -1.06 -10.40 16.92
CA PRO A 111 -0.42 -9.42 17.81
C PRO A 111 -1.55 -8.56 18.37
N GLU A 112 -1.39 -8.02 19.57
CA GLU A 112 -2.43 -7.17 20.14
C GLU A 112 -2.46 -5.84 19.41
N GLY A 113 -3.65 -5.27 19.22
CA GLY A 113 -3.75 -3.99 18.53
C GLY A 113 -5.05 -3.26 18.80
N ASN A 114 -5.31 -2.18 18.07
CA ASN A 114 -6.54 -1.41 18.25
C ASN A 114 -7.58 -1.61 17.16
N ILE A 115 -7.40 -2.63 16.33
CA ILE A 115 -8.36 -2.90 15.25
C ILE A 115 -9.35 -4.02 15.59
N GLY A 116 -10.64 -3.72 15.47
CA GLY A 116 -11.67 -4.71 15.74
C GLY A 116 -12.16 -5.27 14.42
N VAL A 117 -12.03 -6.58 14.24
CA VAL A 117 -12.44 -7.21 12.98
C VAL A 117 -13.75 -7.99 13.06
N ILE A 118 -14.58 -7.80 12.04
CA ILE A 118 -15.86 -8.49 11.94
C ILE A 118 -15.91 -9.08 10.55
N GLY A 119 -16.35 -10.32 10.44
CA GLY A 119 -16.41 -10.93 9.13
C GLY A 119 -17.40 -12.07 8.95
N ALA A 120 -18.01 -12.09 7.76
CA ALA A 120 -18.94 -13.14 7.40
C ALA A 120 -18.18 -13.97 6.38
N SER A 121 -16.98 -14.39 6.76
CA SER A 121 -16.10 -15.16 5.89
C SER A 121 -15.07 -15.90 6.75
N GLY A 122 -14.58 -17.02 6.24
CA GLY A 122 -13.61 -17.79 6.99
C GLY A 122 -12.19 -17.32 6.75
N THR A 123 -11.63 -17.66 5.59
CA THR A 123 -10.28 -17.23 5.29
C THR A 123 -10.22 -15.75 4.96
N GLY A 124 -11.37 -15.12 4.78
CA GLY A 124 -11.41 -13.70 4.50
C GLY A 124 -10.96 -12.98 5.75
N ILE A 125 -11.46 -13.44 6.90
CA ILE A 125 -11.07 -12.85 8.17
C ILE A 125 -9.60 -13.18 8.42
N GLN A 126 -9.23 -14.43 8.17
CA GLN A 126 -7.87 -14.87 8.41
C GLN A 126 -6.84 -14.09 7.61
N GLU A 127 -7.11 -13.89 6.31
CA GLU A 127 -6.19 -13.17 5.45
C GLU A 127 -6.21 -11.69 5.80
N LEU A 128 -7.39 -11.16 6.11
CA LEU A 128 -7.46 -9.75 6.47
C LEU A 128 -6.59 -9.54 7.72
N CYS A 129 -6.67 -10.47 8.67
CA CYS A 129 -5.88 -10.36 9.89
C CYS A 129 -4.40 -10.62 9.64
N SER A 130 -4.09 -11.55 8.76
CA SER A 130 -2.71 -11.87 8.44
C SER A 130 -2.05 -10.65 7.79
N GLN A 131 -2.81 -9.94 6.98
CA GLN A 131 -2.29 -8.75 6.32
C GLN A 131 -2.13 -7.59 7.28
N ILE A 132 -3.00 -7.52 8.29
CA ILE A 132 -2.89 -6.44 9.26
C ILE A 132 -1.59 -6.60 10.04
N ALA A 133 -1.36 -7.80 10.55
CA ALA A 133 -0.15 -8.08 11.31
C ALA A 133 1.06 -7.80 10.42
N LEU A 134 1.04 -8.37 9.23
CA LEU A 134 2.12 -8.17 8.28
C LEU A 134 2.36 -6.66 8.08
N ALA A 135 1.30 -5.88 8.17
CA ALA A 135 1.40 -4.44 7.99
C ALA A 135 1.84 -3.72 9.25
N GLY A 136 2.15 -4.47 10.30
CA GLY A 136 2.61 -3.87 11.53
C GLY A 136 1.62 -3.50 12.64
N GLU A 137 0.34 -3.83 12.49
CA GLU A 137 -0.63 -3.52 13.55
C GLU A 137 -1.19 -4.79 14.19
N GLY A 138 -2.27 -4.64 14.95
CA GLY A 138 -2.87 -5.79 15.61
C GLY A 138 -4.37 -5.66 15.77
N ILE A 139 -4.99 -6.65 16.40
CA ILE A 139 -6.43 -6.62 16.58
C ILE A 139 -6.89 -6.79 18.03
N THR A 140 -8.17 -6.52 18.26
CA THR A 140 -8.77 -6.66 19.58
C THR A 140 -9.49 -8.01 19.53
N HIS A 141 -10.36 -8.16 18.53
CA HIS A 141 -11.11 -9.39 18.32
C HIS A 141 -11.40 -9.54 16.82
N ALA A 142 -11.74 -10.75 16.41
CA ALA A 142 -12.09 -11.04 15.03
C ALA A 142 -13.39 -11.83 15.17
N ILE A 143 -14.52 -11.18 14.91
CA ILE A 143 -15.80 -11.83 15.08
C ILE A 143 -16.45 -12.39 13.82
N GLY A 144 -16.52 -13.71 13.73
CA GLY A 144 -17.13 -14.36 12.58
C GLY A 144 -18.64 -14.30 12.73
N LEU A 145 -19.36 -14.22 11.62
CA LEU A 145 -20.81 -14.12 11.69
C LEU A 145 -21.58 -15.30 11.12
N GLY A 146 -20.93 -16.04 10.23
CA GLY A 146 -21.58 -17.14 9.56
C GLY A 146 -21.70 -16.62 8.13
N GLY A 147 -21.36 -17.46 7.16
CA GLY A 147 -21.40 -17.05 5.78
C GLY A 147 -22.69 -16.46 5.24
N ARG A 148 -23.82 -16.84 5.82
CA ARG A 148 -25.10 -16.33 5.33
C ARG A 148 -25.69 -15.16 6.13
N ASP A 149 -24.99 -14.69 7.15
CA ASP A 149 -25.52 -13.60 7.97
C ASP A 149 -26.00 -12.40 7.15
N LEU A 150 -25.20 -11.99 6.16
CA LEU A 150 -25.55 -10.86 5.32
C LEU A 150 -26.57 -11.18 4.23
N SER A 151 -27.08 -12.40 4.22
CA SER A 151 -28.06 -12.79 3.20
C SER A 151 -29.31 -11.95 3.29
N ARG A 152 -30.05 -11.89 2.19
CA ARG A 152 -31.28 -11.12 2.12
C ARG A 152 -32.29 -11.62 3.14
N GLU A 153 -32.16 -12.90 3.51
CA GLU A 153 -33.09 -13.53 4.44
C GLU A 153 -32.71 -13.46 5.92
N VAL A 154 -31.42 -13.40 6.21
CA VAL A 154 -31.00 -13.32 7.61
C VAL A 154 -31.04 -11.87 8.11
N GLY A 155 -30.84 -10.93 7.19
CA GLY A 155 -30.87 -9.53 7.55
C GLY A 155 -29.68 -8.96 8.29
N GLY A 156 -28.59 -9.72 8.36
CA GLY A 156 -27.41 -9.25 9.05
C GLY A 156 -27.60 -9.04 10.54
N ILE A 157 -28.40 -9.91 11.16
CA ILE A 157 -28.65 -9.82 12.60
C ILE A 157 -27.36 -9.85 13.40
N SER A 158 -26.53 -10.85 13.15
CA SER A 158 -25.27 -10.97 13.88
C SER A 158 -24.28 -9.85 13.55
N ALA A 159 -24.30 -9.38 12.31
CA ALA A 159 -23.41 -8.29 11.92
C ALA A 159 -23.74 -7.03 12.71
N LEU A 160 -25.03 -6.78 12.96
CA LEU A 160 -25.45 -5.60 13.70
C LEU A 160 -25.09 -5.74 15.18
N THR A 161 -25.21 -6.95 15.70
CA THR A 161 -24.86 -7.20 17.09
C THR A 161 -23.35 -7.09 17.28
N ALA A 162 -22.59 -7.55 16.28
CA ALA A 162 -21.14 -7.47 16.35
C ALA A 162 -20.69 -6.01 16.33
N LEU A 163 -21.28 -5.21 15.46
CA LEU A 163 -20.93 -3.81 15.36
C LEU A 163 -21.19 -3.05 16.67
N GLU A 164 -22.34 -3.33 17.29
CA GLU A 164 -22.72 -2.71 18.56
C GLU A 164 -21.76 -3.09 19.68
N MSE A 165 -21.34 -4.34 19.69
CA MSE A 165 -20.42 -4.80 20.71
C MSE A 165 -19.08 -4.08 20.60
O MSE A 165 -18.58 -3.53 21.59
CB MSE A 165 -20.18 -6.30 20.60
CG MSE A 165 -21.32 -7.16 21.10
SE MSE A 165 -20.99 -9.00 20.71
CE MSE A 165 -19.52 -9.30 21.89
N LEU A 166 -18.49 -4.11 19.41
CA LEU A 166 -17.20 -3.46 19.22
C LEU A 166 -17.35 -1.95 19.42
N SER A 167 -18.48 -1.41 18.98
CA SER A 167 -18.74 0.00 19.14
C SER A 167 -18.59 0.39 20.60
N ALA A 168 -18.93 -0.53 21.49
CA ALA A 168 -18.84 -0.30 22.92
C ALA A 168 -17.51 -0.75 23.50
N ASP A 169 -16.65 -1.31 22.65
CA ASP A 169 -15.34 -1.76 23.09
C ASP A 169 -14.33 -0.64 22.83
N GLU A 170 -13.96 0.06 23.90
CA GLU A 170 -13.02 1.17 23.79
C GLU A 170 -11.66 0.82 23.19
N LYS A 171 -11.19 -0.40 23.45
CA LYS A 171 -9.90 -0.84 22.91
C LYS A 171 -9.97 -0.98 21.39
N SER A 172 -11.18 -1.13 20.86
CA SER A 172 -11.35 -1.26 19.41
C SER A 172 -11.55 0.15 18.86
N GLU A 173 -10.44 0.81 18.55
CA GLU A 173 -10.48 2.17 18.04
C GLU A 173 -10.83 2.27 16.57
N VAL A 174 -10.46 1.23 15.82
CA VAL A 174 -10.70 1.16 14.39
C VAL A 174 -11.41 -0.15 14.05
N LEU A 175 -12.39 -0.08 13.16
CA LEU A 175 -13.16 -1.26 12.77
C LEU A 175 -12.93 -1.68 11.31
N ALA A 176 -12.88 -2.99 11.09
CA ALA A 176 -12.70 -3.55 9.76
C ALA A 176 -13.72 -4.69 9.54
N PHE A 177 -14.55 -4.53 8.51
CA PHE A 177 -15.60 -5.48 8.17
C PHE A 177 -15.31 -6.16 6.83
N VAL A 178 -15.53 -7.46 6.76
CA VAL A 178 -15.31 -8.21 5.52
C VAL A 178 -16.41 -9.24 5.28
N SER A 179 -16.96 -9.21 4.07
CA SER A 179 -18.01 -10.15 3.70
C SER A 179 -18.22 -10.03 2.21
N LYS A 180 -19.01 -10.95 1.65
CA LYS A 180 -19.30 -10.87 0.23
C LYS A 180 -20.27 -9.70 0.14
N PRO A 181 -20.32 -9.03 -1.02
CA PRO A 181 -21.23 -7.89 -1.21
C PRO A 181 -22.69 -8.21 -0.88
N PRO A 182 -23.29 -7.49 0.09
CA PRO A 182 -24.68 -7.77 0.42
C PRO A 182 -25.63 -7.02 -0.51
N ALA A 183 -26.90 -7.42 -0.51
CA ALA A 183 -27.92 -6.78 -1.34
C ALA A 183 -28.33 -5.42 -0.81
N GLU A 184 -28.75 -4.56 -1.73
CA GLU A 184 -29.18 -3.20 -1.43
C GLU A 184 -29.62 -2.92 0.01
N ALA A 185 -30.82 -3.36 0.35
CA ALA A 185 -31.39 -3.13 1.68
C ALA A 185 -30.48 -3.53 2.83
N VAL A 186 -29.75 -4.63 2.66
CA VAL A 186 -28.85 -5.08 3.72
C VAL A 186 -27.59 -4.25 3.87
N ARG A 187 -26.89 -3.97 2.76
CA ARG A 187 -25.66 -3.18 2.85
C ARG A 187 -25.97 -1.80 3.38
N LEU A 188 -27.15 -1.29 3.04
CA LEU A 188 -27.57 0.02 3.50
C LEU A 188 -27.71 -0.01 5.01
N LYS A 189 -28.29 -1.08 5.52
CA LYS A 189 -28.49 -1.22 6.95
C LYS A 189 -27.14 -1.37 7.66
N ILE A 190 -26.20 -2.06 7.01
CA ILE A 190 -24.88 -2.27 7.59
C ILE A 190 -24.08 -0.97 7.65
N VAL A 191 -24.07 -0.24 6.54
CA VAL A 191 -23.36 1.02 6.50
C VAL A 191 -23.87 1.98 7.57
N ASN A 192 -25.18 2.22 7.61
CA ASN A 192 -25.73 3.12 8.63
C ASN A 192 -25.26 2.68 10.02
N ALA A 193 -25.26 1.36 10.24
CA ALA A 193 -24.82 0.83 11.53
C ALA A 193 -23.33 1.15 11.75
N MSE A 194 -22.54 1.04 10.68
CA MSE A 194 -21.12 1.33 10.78
C MSE A 194 -20.94 2.82 11.09
O MSE A 194 -20.06 3.20 11.88
CB MSE A 194 -20.42 1.01 9.46
CG MSE A 194 -20.44 -0.44 9.10
SE MSE A 194 -19.69 -0.74 7.37
CE MSE A 194 -18.71 -2.30 7.77
N LYS A 195 -21.77 3.67 10.48
CA LYS A 195 -21.69 5.10 10.71
C LYS A 195 -22.06 5.41 12.16
N ALA A 196 -23.05 4.72 12.68
CA ALA A 196 -23.48 4.93 14.06
C ALA A 196 -22.38 4.71 15.10
N THR A 197 -21.47 3.76 14.84
CA THR A 197 -20.41 3.49 15.81
C THR A 197 -19.55 4.73 15.97
N GLY A 198 -19.47 5.53 14.90
CA GLY A 198 -18.66 6.73 14.94
C GLY A 198 -17.16 6.47 14.86
N LYS A 199 -16.79 5.20 14.74
CA LYS A 199 -15.38 4.83 14.66
C LYS A 199 -14.87 4.66 13.23
N PRO A 200 -13.58 4.97 13.00
CA PRO A 200 -13.01 4.81 11.66
C PRO A 200 -13.25 3.34 11.30
N THR A 201 -13.89 3.09 10.18
CA THR A 201 -14.21 1.73 9.79
C THR A 201 -13.92 1.41 8.33
N VAL A 202 -13.34 0.25 8.08
CA VAL A 202 -13.07 -0.15 6.71
C VAL A 202 -14.09 -1.23 6.35
N ALA A 203 -14.87 -0.98 5.31
CA ALA A 203 -15.87 -1.94 4.87
C ALA A 203 -15.38 -2.64 3.62
N LEU A 204 -15.05 -3.92 3.78
CA LEU A 204 -14.57 -4.71 2.66
C LEU A 204 -15.67 -5.59 2.10
N PHE A 205 -16.14 -5.27 0.90
CA PHE A 205 -17.16 -6.06 0.23
C PHE A 205 -16.45 -6.76 -0.93
N LEU A 206 -15.93 -7.94 -0.63
CA LEU A 206 -15.17 -8.76 -1.58
C LEU A 206 -15.57 -8.69 -3.06
N GLY A 207 -14.60 -8.27 -3.88
CA GLY A 207 -14.79 -8.17 -5.32
C GLY A 207 -15.85 -7.19 -5.79
N TYR A 208 -15.97 -6.06 -5.10
CA TYR A 208 -16.95 -5.06 -5.46
C TYR A 208 -16.39 -3.64 -5.40
N THR A 209 -16.15 -3.06 -6.57
CA THR A 209 -15.64 -1.69 -6.63
C THR A 209 -16.74 -0.77 -6.11
N PRO A 210 -16.54 -0.20 -4.92
CA PRO A 210 -17.52 0.71 -4.28
C PRO A 210 -17.79 1.99 -5.04
N ALA A 211 -18.92 2.62 -4.75
CA ALA A 211 -19.30 3.87 -5.39
C ALA A 211 -18.25 4.93 -5.07
N VAL A 212 -18.22 5.34 -3.80
CA VAL A 212 -17.25 6.34 -3.34
C VAL A 212 -16.24 5.65 -2.44
N ALA A 213 -15.04 6.21 -2.35
CA ALA A 213 -14.00 5.61 -1.52
C ALA A 213 -14.27 5.80 -0.03
N ARG A 214 -14.91 6.90 0.34
CA ARG A 214 -15.20 7.19 1.74
C ARG A 214 -16.59 7.82 1.95
N ASP A 215 -17.20 7.50 3.08
CA ASP A 215 -18.51 8.04 3.43
C ASP A 215 -18.51 8.26 4.93
N GLU A 216 -18.27 9.51 5.33
CA GLU A 216 -18.22 9.85 6.74
C GLU A 216 -17.11 9.01 7.39
N ASN A 217 -17.44 8.22 8.40
CA ASN A 217 -16.41 7.42 9.07
C ASN A 217 -16.21 6.06 8.41
N VAL A 218 -16.72 5.87 7.20
CA VAL A 218 -16.58 4.57 6.52
C VAL A 218 -15.72 4.62 5.27
N TRP A 219 -14.67 3.79 5.23
CA TRP A 219 -13.78 3.71 4.08
C TRP A 219 -14.06 2.38 3.37
N PHE A 220 -14.24 2.44 2.05
CA PHE A 220 -14.55 1.24 1.26
C PHE A 220 -13.36 0.63 0.52
N ALA A 221 -13.25 -0.70 0.57
CA ALA A 221 -12.18 -1.44 -0.09
C ALA A 221 -12.77 -2.62 -0.86
N SER A 222 -12.04 -3.10 -1.86
CA SER A 222 -12.51 -4.21 -2.68
C SER A 222 -11.63 -5.45 -2.59
N SER A 223 -10.45 -5.29 -2.00
CA SER A 223 -9.52 -6.41 -1.86
C SER A 223 -8.99 -6.52 -0.45
N LEU A 224 -8.64 -7.75 -0.07
CA LEU A 224 -8.15 -8.04 1.25
C LEU A 224 -6.97 -7.21 1.73
N ASP A 225 -5.87 -7.16 0.98
CA ASP A 225 -4.73 -6.39 1.45
C ASP A 225 -4.90 -4.87 1.30
N GLU A 226 -5.83 -4.45 0.45
CA GLU A 226 -6.10 -3.02 0.29
C GLU A 226 -6.80 -2.65 1.61
N ALA A 227 -7.76 -3.48 2.01
CA ALA A 227 -8.52 -3.26 3.24
C ALA A 227 -7.58 -3.20 4.46
N ALA A 228 -6.61 -4.11 4.50
CA ALA A 228 -5.67 -4.14 5.63
C ALA A 228 -4.80 -2.88 5.62
N ARG A 229 -4.32 -2.49 4.45
CA ARG A 229 -3.49 -1.29 4.37
C ARG A 229 -4.29 -0.12 4.95
N LEU A 230 -5.56 -0.01 4.57
CA LEU A 230 -6.44 1.06 5.04
C LEU A 230 -6.71 0.98 6.54
N ALA A 231 -6.96 -0.23 7.03
CA ALA A 231 -7.21 -0.42 8.45
C ALA A 231 -6.02 0.02 9.29
N CYS A 232 -4.81 -0.30 8.83
CA CYS A 232 -3.61 0.08 9.57
C CYS A 232 -3.40 1.58 9.58
N LEU A 233 -3.66 2.22 8.44
CA LEU A 233 -3.52 3.67 8.33
C LEU A 233 -4.46 4.35 9.32
N LEU A 234 -5.73 3.93 9.34
CA LEU A 234 -6.72 4.50 10.24
C LEU A 234 -6.29 4.20 11.67
N SER A 235 -5.73 3.01 11.86
CA SER A 235 -5.25 2.62 13.18
C SER A 235 -4.14 3.53 13.68
N ARG A 236 -3.17 3.82 12.81
CA ARG A 236 -2.04 4.69 13.18
C ARG A 236 -2.48 6.13 13.49
N VAL A 237 -3.40 6.66 12.68
CA VAL A 237 -3.90 8.01 12.85
C VAL A 237 -4.72 8.14 14.14
N THR A 238 -5.64 7.20 14.36
CA THR A 238 -6.49 7.21 15.55
C THR A 238 -5.66 7.00 16.83
N ALA A 239 -4.69 6.10 16.74
CA ALA A 239 -3.83 5.81 17.87
C ALA A 239 -3.14 7.09 18.33
N ARG A 240 -2.47 7.76 17.41
CA ARG A 240 -1.76 8.99 17.72
C ARG A 240 -2.72 10.07 18.21
N ARG A 241 -3.85 10.23 17.54
CA ARG A 241 -4.84 11.23 17.92
C ARG A 241 -5.34 11.01 19.35
N ASN A 242 -5.44 9.75 19.77
CA ASN A 242 -5.90 9.45 21.12
C ASN A 242 -4.80 9.68 22.14
N ALA A 243 -3.56 9.44 21.73
CA ALA A 243 -2.43 9.66 22.63
C ALA A 243 -2.29 11.16 22.88
N ILE A 244 -2.37 11.96 21.81
CA ILE A 244 -2.24 13.40 21.93
C ILE A 244 -3.44 13.95 22.70
N ALA A 245 -4.61 13.37 22.45
CA ALA A 245 -5.83 13.78 23.12
C ALA A 245 -6.15 15.26 22.99
N PRO A 246 -6.29 15.75 21.76
CA PRO A 246 -6.59 17.17 21.53
C PRO A 246 -7.87 17.59 22.24
N VAL A 247 -7.87 18.76 22.87
CA VAL A 247 -9.06 19.20 23.59
C VAL A 247 -9.67 20.52 23.10
N SER A 248 -8.86 21.37 22.49
CA SER A 248 -9.36 22.65 21.97
C SER A 248 -9.19 22.75 20.45
N SER A 249 -10.28 23.06 19.78
CA SER A 249 -10.28 23.17 18.32
C SER A 249 -9.41 24.30 17.82
N GLY A 250 -9.11 24.28 16.53
CA GLY A 250 -8.29 25.32 15.95
C GLY A 250 -8.18 25.07 14.46
N PHE A 251 -7.20 25.67 13.81
CA PHE A 251 -7.07 25.50 12.38
C PHE A 251 -5.77 24.84 11.95
N ILE A 252 -5.77 24.35 10.71
CA ILE A 252 -4.58 23.72 10.15
C ILE A 252 -3.79 24.72 9.31
N CYS A 253 -2.48 24.75 9.51
CA CYS A 253 -1.60 25.62 8.74
C CYS A 253 -0.49 24.77 8.13
N GLY A 254 -0.50 24.70 6.80
CA GLY A 254 0.51 23.93 6.10
C GLY A 254 1.53 24.83 5.43
N LEU A 255 2.77 24.74 5.90
CA LEU A 255 3.84 25.54 5.34
C LEU A 255 4.75 24.60 4.56
N TYR A 256 4.50 24.51 3.26
CA TYR A 256 5.29 23.63 2.40
C TYR A 256 6.35 24.35 1.58
N THR A 257 7.44 23.66 1.32
CA THR A 257 8.56 24.19 0.54
C THR A 257 8.55 23.58 -0.85
N GLY A 258 7.82 22.48 -1.01
CA GLY A 258 7.74 21.79 -2.29
C GLY A 258 6.37 21.97 -2.92
N GLY A 259 6.34 22.63 -4.07
CA GLY A 259 5.09 22.87 -4.75
C GLY A 259 4.17 21.68 -4.93
N THR A 260 4.63 20.64 -5.63
CA THR A 260 3.80 19.46 -5.87
C THR A 260 3.31 18.88 -4.55
N LEU A 261 4.17 18.83 -3.55
CA LEU A 261 3.79 18.29 -2.25
C LEU A 261 2.66 19.13 -1.65
N ALA A 262 2.82 20.46 -1.70
CA ALA A 262 1.79 21.35 -1.18
C ALA A 262 0.47 21.09 -1.88
N ALA A 263 0.52 20.91 -3.19
CA ALA A 263 -0.67 20.67 -3.99
C ALA A 263 -1.35 19.33 -3.65
N GLU A 264 -0.57 18.28 -3.42
CA GLU A 264 -1.18 17.00 -3.09
C GLU A 264 -1.76 17.05 -1.68
N ALA A 265 -1.03 17.66 -0.75
CA ALA A 265 -1.54 17.77 0.61
C ALA A 265 -2.84 18.57 0.59
N ALA A 266 -2.90 19.57 -0.30
CA ALA A 266 -4.09 20.41 -0.42
C ALA A 266 -5.27 19.59 -0.90
N GLY A 267 -5.07 18.86 -2.00
CA GLY A 267 -6.14 18.03 -2.54
C GLY A 267 -6.60 17.00 -1.53
N LEU A 268 -5.65 16.38 -0.83
CA LEU A 268 -5.97 15.37 0.16
C LEU A 268 -6.76 15.95 1.32
N LEU A 269 -6.28 17.06 1.88
CA LEU A 269 -6.98 17.66 3.01
C LEU A 269 -8.39 18.14 2.63
N ALA A 270 -8.55 18.67 1.41
CA ALA A 270 -9.85 19.15 0.96
C ALA A 270 -10.87 18.00 0.96
N GLY A 271 -10.41 16.83 0.51
CA GLY A 271 -11.29 15.66 0.49
C GLY A 271 -11.71 15.27 1.89
N HIS A 272 -10.76 15.24 2.84
CA HIS A 272 -11.07 14.88 4.22
C HIS A 272 -12.06 15.84 4.85
N LEU A 273 -12.07 17.09 4.36
CA LEU A 273 -12.96 18.12 4.87
C LEU A 273 -14.23 18.32 4.05
N GLY A 274 -14.38 17.56 2.97
CA GLY A 274 -15.57 17.69 2.16
C GLY A 274 -15.62 19.06 1.50
N VAL A 275 -14.45 19.63 1.24
CA VAL A 275 -14.33 20.93 0.62
C VAL A 275 -13.87 20.81 -0.84
N GLU A 276 -14.26 21.78 -1.66
CA GLU A 276 -13.90 21.80 -3.08
C GLU A 276 -12.41 21.56 -3.28
N THR A 280 -6.76 25.92 -9.97
CA THR A 280 -7.05 27.33 -9.76
C THR A 280 -6.63 27.78 -8.38
N HIS A 281 -5.32 27.95 -8.18
CA HIS A 281 -4.82 28.35 -6.87
C HIS A 281 -3.75 29.43 -6.93
N GLN A 282 -4.22 30.67 -6.70
CA GLN A 282 -3.43 31.89 -6.76
C GLN A 282 -2.44 32.14 -5.60
N HIS A 283 -1.32 32.77 -5.93
CA HIS A 283 -0.27 33.14 -4.98
C HIS A 283 0.30 32.09 -4.04
N GLY A 284 0.23 30.82 -4.41
CA GLY A 284 0.77 29.80 -3.54
C GLY A 284 -0.19 29.31 -2.47
N MSE A 285 -1.39 29.90 -2.42
CA MSE A 285 -2.41 29.51 -1.44
C MSE A 285 -3.13 28.29 -2.04
O MSE A 285 -4.12 28.43 -2.76
CB MSE A 285 -3.38 30.67 -1.23
CG MSE A 285 -4.46 30.43 -0.18
SE MSE A 285 -3.81 30.02 1.61
CE MSE A 285 -3.19 31.77 2.08
N MSE A 286 -2.63 27.11 -1.72
CA MSE A 286 -3.18 25.85 -2.25
C MSE A 286 -4.55 25.47 -1.73
O MSE A 286 -5.32 24.80 -2.43
CB MSE A 286 -2.20 24.70 -1.99
CG MSE A 286 -0.81 24.97 -2.51
SE MSE A 286 -0.90 25.45 -4.37
CE MSE A 286 -0.27 27.20 -4.27
N LEU A 287 -4.86 25.89 -0.51
CA LEU A 287 -6.14 25.61 0.10
C LEU A 287 -6.42 26.65 1.18
N ASP A 288 -7.66 27.12 1.22
CA ASP A 288 -8.06 28.07 2.23
C ASP A 288 -9.54 27.89 2.48
N ALA A 289 -9.86 26.95 3.36
CA ALA A 289 -11.25 26.66 3.69
C ALA A 289 -11.45 26.60 5.21
N ASP A 290 -12.51 27.25 5.67
CA ASP A 290 -12.83 27.30 7.09
C ASP A 290 -11.58 27.59 7.91
N SER A 291 -10.80 28.55 7.42
CA SER A 291 -9.56 28.99 8.09
C SER A 291 -8.37 28.03 8.02
N HIS A 292 -8.56 26.87 7.39
CA HIS A 292 -7.47 25.92 7.24
C HIS A 292 -6.70 26.37 6.00
N GLN A 293 -5.37 26.35 6.06
CA GLN A 293 -4.54 26.77 4.93
C GLN A 293 -3.37 25.85 4.61
N ILE A 294 -3.13 25.67 3.32
CA ILE A 294 -2.02 24.85 2.81
C ILE A 294 -1.26 25.79 1.89
N ILE A 295 -0.08 26.19 2.31
CA ILE A 295 0.69 27.17 1.56
C ILE A 295 1.98 26.71 0.91
N ASP A 296 2.13 27.09 -0.35
CA ASP A 296 3.33 26.77 -1.10
C ASP A 296 4.31 27.95 -1.01
N LEU A 297 5.18 27.91 -0.02
CA LEU A 297 6.16 28.98 0.19
C LEU A 297 7.16 29.07 -0.95
N GLY A 298 7.04 28.18 -1.92
CA GLY A 298 7.94 28.20 -3.04
C GLY A 298 7.43 29.17 -4.10
N ASP A 299 6.13 29.48 -4.05
CA ASP A 299 5.52 30.39 -5.01
C ASP A 299 6.24 31.74 -5.03
N ASP A 300 6.21 32.39 -6.20
CA ASP A 300 6.87 33.70 -6.35
C ASP A 300 6.36 34.71 -5.34
N PHE A 301 5.09 34.58 -4.96
CA PHE A 301 4.51 35.50 -3.98
C PHE A 301 5.29 35.57 -2.67
N TYR A 302 5.97 34.48 -2.31
CA TYR A 302 6.75 34.40 -1.07
C TYR A 302 8.24 34.45 -1.30
N THR A 303 8.66 34.50 -2.56
CA THR A 303 10.10 34.48 -2.84
C THR A 303 10.73 35.77 -3.34
N VAL A 304 10.01 36.89 -3.27
CA VAL A 304 10.59 38.16 -3.72
C VAL A 304 11.68 38.61 -2.76
N GLY A 305 12.85 38.92 -3.31
CA GLY A 305 13.95 39.36 -2.48
C GLY A 305 14.58 38.30 -1.59
N ARG A 306 14.11 37.05 -1.68
CA ARG A 306 14.67 35.99 -0.86
C ARG A 306 14.83 34.65 -1.59
N PRO A 307 15.81 33.82 -1.16
CA PRO A 307 16.07 32.51 -1.77
C PRO A 307 14.90 31.54 -1.64
N HIS A 308 14.91 30.51 -2.49
CA HIS A 308 13.86 29.51 -2.48
C HIS A 308 13.86 28.83 -1.10
N PRO A 309 12.66 28.60 -0.54
CA PRO A 309 12.53 27.95 0.78
C PRO A 309 13.26 26.61 0.91
N MSE A 310 13.37 25.88 -0.20
CA MSE A 310 14.06 24.59 -0.17
C MSE A 310 15.56 24.71 0.09
O MSE A 310 16.20 23.77 0.56
CB MSE A 310 13.79 23.82 -1.47
CG MSE A 310 12.40 23.20 -1.52
SE MSE A 310 12.02 22.12 -3.09
CE MSE A 310 13.05 20.55 -2.60
N ILE A 311 16.15 25.88 -0.21
CA ILE A 311 17.57 26.08 0.02
C ILE A 311 17.86 26.91 1.27
N ASP A 312 16.98 27.86 1.56
CA ASP A 312 17.12 28.73 2.73
C ASP A 312 15.84 28.61 3.55
N PRO A 313 15.94 28.09 4.79
CA PRO A 313 14.81 27.90 5.70
C PRO A 313 14.41 29.11 6.53
N THR A 314 15.12 30.22 6.37
CA THR A 314 14.83 31.41 7.15
C THR A 314 13.37 31.87 7.12
N LEU A 315 12.79 32.00 5.94
CA LEU A 315 11.41 32.46 5.89
C LEU A 315 10.48 31.50 6.62
N ARG A 316 10.41 30.27 6.13
CA ARG A 316 9.54 29.27 6.74
C ARG A 316 9.74 29.17 8.25
N ASN A 317 10.99 29.08 8.69
CA ASN A 317 11.27 28.98 10.12
C ASN A 317 10.72 30.17 10.91
N GLN A 318 10.82 31.36 10.34
CA GLN A 318 10.30 32.54 11.04
C GLN A 318 8.78 32.41 11.13
N LEU A 319 8.15 32.07 10.01
CA LEU A 319 6.70 31.91 9.98
C LEU A 319 6.29 30.88 11.02
N ILE A 320 7.10 29.84 11.16
CA ILE A 320 6.79 28.82 12.14
C ILE A 320 6.86 29.44 13.54
N ALA A 321 8.00 30.05 13.86
CA ALA A 321 8.18 30.69 15.16
C ALA A 321 7.03 31.65 15.46
N ASP A 322 6.62 32.42 14.45
CA ASP A 322 5.53 33.37 14.63
C ASP A 322 4.15 32.78 14.89
N LEU A 323 3.99 31.48 14.67
CA LEU A 323 2.71 30.84 14.91
C LEU A 323 2.46 30.96 16.41
N GLY A 324 3.53 31.23 17.15
CA GLY A 324 3.40 31.40 18.58
C GLY A 324 2.39 32.50 18.87
N ALA A 325 2.19 33.39 17.90
CA ALA A 325 1.26 34.51 18.05
C ALA A 325 -0.09 34.29 17.35
N LYS A 326 -0.34 33.06 16.92
CA LYS A 326 -1.58 32.72 16.26
C LYS A 326 -2.18 31.49 16.95
N PRO A 327 -2.61 31.66 18.20
CA PRO A 327 -3.20 30.58 19.02
C PRO A 327 -4.31 29.79 18.32
N GLN A 328 -5.01 30.42 17.38
CA GLN A 328 -6.06 29.72 16.66
C GLN A 328 -5.49 28.62 15.76
N VAL A 329 -4.17 28.62 15.52
CA VAL A 329 -3.55 27.60 14.67
C VAL A 329 -3.16 26.40 15.53
N ARG A 330 -3.95 25.33 15.44
CA ARG A 330 -3.73 24.13 16.24
C ARG A 330 -2.78 23.08 15.63
N VAL A 331 -2.74 23.02 14.30
CA VAL A 331 -1.88 22.06 13.62
C VAL A 331 -1.00 22.69 12.55
N LEU A 332 0.27 22.32 12.57
CA LEU A 332 1.24 22.80 11.59
C LEU A 332 1.67 21.62 10.70
N LEU A 333 1.38 21.68 9.42
CA LEU A 333 1.79 20.63 8.49
C LEU A 333 3.09 21.06 7.84
N LEU A 334 4.05 20.14 7.77
CA LEU A 334 5.36 20.41 7.19
C LEU A 334 5.90 19.30 6.28
N ASP A 335 6.66 19.70 5.25
CA ASP A 335 7.32 18.72 4.39
C ASP A 335 8.79 19.04 4.61
N VAL A 336 9.61 18.00 4.75
CA VAL A 336 11.04 18.21 4.93
C VAL A 336 11.73 17.50 3.78
N VAL A 337 12.28 18.26 2.84
CA VAL A 337 12.93 17.68 1.67
C VAL A 337 14.43 17.82 1.77
N ILE A 338 15.13 16.68 1.80
CA ILE A 338 16.58 16.70 1.90
C ILE A 338 17.21 16.38 0.56
N GLY A 339 18.49 16.06 0.58
CA GLY A 339 19.21 15.76 -0.64
C GLY A 339 20.10 16.91 -1.08
N PHE A 340 20.80 16.70 -2.19
CA PHE A 340 21.67 17.73 -2.73
C PHE A 340 20.81 18.95 -3.02
N GLY A 341 21.41 20.12 -2.84
CA GLY A 341 20.69 21.36 -3.10
C GLY A 341 19.83 21.87 -1.94
N ALA A 342 19.80 21.12 -0.84
CA ALA A 342 19.00 21.53 0.31
C ALA A 342 19.84 21.84 1.54
N THR A 343 19.19 22.43 2.54
CA THR A 343 19.84 22.79 3.79
C THR A 343 20.65 21.61 4.34
N ALA A 344 21.70 21.91 5.11
CA ALA A 344 22.55 20.87 5.68
C ALA A 344 21.89 20.02 6.76
N ASP A 345 21.07 20.64 7.59
CA ASP A 345 20.40 19.91 8.65
C ASP A 345 19.11 20.64 9.00
N PRO A 346 18.11 20.57 8.10
CA PRO A 346 16.81 21.21 8.30
C PRO A 346 16.10 20.90 9.62
N ALA A 347 16.05 19.62 9.99
CA ALA A 347 15.38 19.20 11.21
C ALA A 347 15.67 20.05 12.44
N ALA A 348 16.94 20.23 12.77
CA ALA A 348 17.34 20.99 13.94
C ALA A 348 16.78 22.41 14.01
N SER A 349 16.93 23.18 12.95
CA SER A 349 16.41 24.54 12.97
C SER A 349 14.89 24.53 12.92
N LEU A 350 14.32 23.49 12.32
CA LEU A 350 12.87 23.38 12.27
C LEU A 350 12.40 23.23 13.70
N VAL A 351 13.07 22.34 14.43
CA VAL A 351 12.74 22.07 15.81
C VAL A 351 12.81 23.32 16.68
N SER A 352 13.95 24.00 16.68
CA SER A 352 14.09 25.21 17.49
C SER A 352 12.98 26.18 17.16
N ALA A 353 12.75 26.39 15.87
CA ALA A 353 11.72 27.31 15.44
C ALA A 353 10.34 26.95 15.98
N TRP A 354 9.93 25.70 15.89
CA TRP A 354 8.60 25.36 16.39
C TRP A 354 8.53 25.37 17.91
N GLN A 355 9.68 25.21 18.57
CA GLN A 355 9.71 25.24 20.03
C GLN A 355 9.46 26.66 20.52
N LYS A 356 9.96 27.64 19.78
CA LYS A 356 9.77 29.03 20.13
C LYS A 356 8.27 29.29 20.06
N ALA A 357 7.64 28.78 19.00
CA ALA A 357 6.21 28.94 18.83
C ALA A 357 5.50 28.35 20.04
N CYS A 358 5.74 27.07 20.30
CA CYS A 358 5.11 26.39 21.44
C CYS A 358 5.40 27.12 22.74
N ALA A 359 6.58 27.71 22.84
CA ALA A 359 7.00 28.45 24.02
C ALA A 359 6.03 29.59 24.29
N ALA A 360 5.60 30.27 23.23
CA ALA A 360 4.68 31.40 23.33
C ALA A 360 3.20 31.05 23.43
N ARG A 361 2.86 29.77 23.43
CA ARG A 361 1.45 29.36 23.50
C ARG A 361 0.98 29.07 24.91
N LEU A 362 -0.31 29.33 25.16
CA LEU A 362 -0.89 29.02 26.46
C LEU A 362 -1.20 27.53 26.40
N ASP A 363 -1.28 26.87 27.55
CA ASP A 363 -1.56 25.44 27.60
C ASP A 363 -2.78 25.00 26.82
N ASN A 364 -3.83 25.82 26.83
CA ASN A 364 -5.06 25.48 26.11
C ASN A 364 -4.97 25.83 24.64
N GLN A 365 -3.81 26.31 24.20
CA GLN A 365 -3.60 26.67 22.79
C GLN A 365 -2.33 26.00 22.24
N PRO A 366 -2.26 24.67 22.32
CA PRO A 366 -1.07 23.97 21.81
C PRO A 366 -0.89 24.02 20.30
N LEU A 367 0.31 23.68 19.84
CA LEU A 367 0.60 23.67 18.41
C LEU A 367 1.19 22.32 18.03
N TYR A 368 0.36 21.44 17.47
CA TYR A 368 0.84 20.12 17.06
C TYR A 368 1.53 20.23 15.71
N ALA A 369 2.66 19.56 15.57
CA ALA A 369 3.41 19.59 14.31
C ALA A 369 3.41 18.21 13.66
N ILE A 370 3.23 18.18 12.34
CA ILE A 370 3.22 16.94 11.59
C ILE A 370 4.12 17.10 10.37
N ALA A 371 5.05 16.18 10.19
CA ALA A 371 5.95 16.30 9.05
C ALA A 371 6.10 15.02 8.24
N THR A 372 6.41 15.19 6.96
CA THR A 372 6.70 14.06 6.10
C THR A 372 8.08 14.38 5.61
N VAL A 373 8.91 13.36 5.47
CA VAL A 373 10.27 13.60 5.02
C VAL A 373 10.50 13.02 3.63
N THR A 374 10.96 13.85 2.70
CA THR A 374 11.24 13.39 1.35
C THR A 374 12.74 13.35 1.14
N GLY A 375 13.27 12.14 0.98
CA GLY A 375 14.69 11.99 0.80
C GLY A 375 15.15 10.61 1.25
N THR A 376 16.43 10.34 1.04
CA THR A 376 16.96 9.03 1.37
C THR A 376 17.98 8.94 2.50
N GLU A 377 18.18 7.73 2.96
CA GLU A 377 19.11 7.40 4.03
C GLU A 377 20.53 7.85 3.71
N ARG A 378 20.89 7.83 2.43
CA ARG A 378 22.24 8.20 2.02
C ARG A 378 22.38 9.65 1.59
N ASP A 379 21.28 10.39 1.57
CA ASP A 379 21.37 11.80 1.23
C ASP A 379 22.29 12.40 2.32
N PRO A 380 22.97 13.52 2.04
CA PRO A 380 23.86 14.17 3.00
C PRO A 380 23.26 14.34 4.40
N GLN A 381 22.05 14.88 4.44
CA GLN A 381 21.36 15.09 5.71
C GLN A 381 20.96 13.80 6.44
N CYS A 382 20.83 12.71 5.68
CA CYS A 382 20.45 11.39 6.21
C CYS A 382 19.03 11.34 6.74
N ARG A 383 18.16 10.65 6.00
CA ARG A 383 16.75 10.50 6.34
C ARG A 383 16.49 10.09 7.79
N SER A 384 17.09 8.98 8.22
CA SER A 384 16.87 8.49 9.59
C SER A 384 17.29 9.48 10.69
N GLN A 385 18.40 10.18 10.51
CA GLN A 385 18.85 11.14 11.50
C GLN A 385 17.92 12.35 11.54
N GLN A 386 17.42 12.74 10.38
CA GLN A 386 16.52 13.88 10.31
C GLN A 386 15.22 13.55 11.00
N ILE A 387 14.70 12.36 10.72
CA ILE A 387 13.44 11.92 11.32
C ILE A 387 13.56 11.84 12.84
N ALA A 388 14.64 11.24 13.33
CA ALA A 388 14.85 11.11 14.76
C ALA A 388 14.87 12.47 15.46
N THR A 389 15.50 13.46 14.83
CA THR A 389 15.59 14.80 15.37
C THR A 389 14.20 15.39 15.56
N LEU A 390 13.33 15.15 14.58
CA LEU A 390 11.97 15.65 14.63
C LEU A 390 11.20 14.93 15.72
N GLU A 391 11.26 13.60 15.70
CA GLU A 391 10.54 12.82 16.70
C GLU A 391 10.98 13.13 18.13
N ASP A 392 12.28 13.13 18.38
CA ASP A 392 12.76 13.41 19.73
C ASP A 392 12.20 14.73 20.28
N ALA A 393 11.98 15.70 19.39
CA ALA A 393 11.46 17.00 19.81
C ALA A 393 9.95 16.98 20.00
N GLY A 394 9.31 15.88 19.60
CA GLY A 394 7.87 15.78 19.76
C GLY A 394 7.06 16.04 18.50
N ILE A 395 7.74 16.17 17.36
CA ILE A 395 7.03 16.41 16.12
C ILE A 395 6.63 15.06 15.56
N ALA A 396 5.39 14.93 15.10
CA ALA A 396 4.94 13.67 14.53
C ALA A 396 5.42 13.51 13.09
N VAL A 397 6.13 12.42 12.83
CA VAL A 397 6.62 12.17 11.49
C VAL A 397 5.90 10.94 10.94
N VAL A 398 5.25 11.10 9.79
CA VAL A 398 4.55 10.00 9.14
C VAL A 398 5.13 9.80 7.72
N SER A 399 5.01 8.59 7.21
CA SER A 399 5.58 8.24 5.92
C SER A 399 4.90 8.74 4.65
N SER A 400 3.70 9.28 4.75
CA SER A 400 3.03 9.74 3.53
C SER A 400 2.03 10.86 3.79
N LEU A 401 1.73 11.61 2.72
CA LEU A 401 0.81 12.73 2.79
C LEU A 401 -0.60 12.33 3.21
N PRO A 402 -1.11 11.20 2.68
CA PRO A 402 -2.45 10.80 3.07
C PRO A 402 -2.59 10.71 4.59
N GLU A 403 -1.60 10.09 5.23
CA GLU A 403 -1.63 9.96 6.68
C GLU A 403 -1.43 11.30 7.37
N ALA A 404 -0.49 12.09 6.89
CA ALA A 404 -0.20 13.40 7.47
C ALA A 404 -1.45 14.28 7.51
N THR A 405 -2.15 14.37 6.39
CA THR A 405 -3.35 15.20 6.32
C THR A 405 -4.53 14.61 7.08
N LEU A 406 -4.66 13.29 7.05
CA LEU A 406 -5.74 12.63 7.76
C LEU A 406 -5.53 12.92 9.25
N LEU A 407 -4.28 12.85 9.70
CA LEU A 407 -3.96 13.10 11.09
C LEU A 407 -4.26 14.55 11.47
N ALA A 408 -3.96 15.46 10.54
CA ALA A 408 -4.19 16.87 10.78
C ALA A 408 -5.67 17.16 10.95
N ALA A 409 -6.49 16.57 10.09
CA ALA A 409 -7.93 16.76 10.15
C ALA A 409 -8.53 16.14 11.39
N ALA A 410 -7.90 15.07 11.87
CA ALA A 410 -8.38 14.39 13.07
C ALA A 410 -8.10 15.21 14.31
N LEU A 411 -6.94 15.86 14.35
CA LEU A 411 -6.55 16.65 15.50
C LEU A 411 -7.31 17.97 15.71
N ILE A 412 -7.84 18.57 14.64
CA ILE A 412 -8.55 19.83 14.79
C ILE A 412 -9.88 19.73 15.53
N HIS A 413 -10.47 18.55 15.55
CA HIS A 413 -11.74 18.37 16.25
C HIS A 413 -11.43 17.60 17.52
N PRO A 414 -11.52 18.25 18.68
CA PRO A 414 -11.24 17.61 19.97
C PRO A 414 -12.09 16.37 20.28
N LEU A 415 -11.61 15.57 21.22
CA LEU A 415 -12.27 14.34 21.64
C LEU A 415 -13.63 14.67 22.25
N SER A 416 -14.58 13.74 22.12
CA SER A 416 -15.92 13.93 22.68
C SER A 416 -15.88 13.87 24.20
N HIS A 422 -17.86 0.12 29.87
CA HIS A 422 -19.03 -0.61 29.39
C HIS A 422 -18.70 -1.50 28.21
N THR A 423 -17.67 -2.33 28.36
CA THR A 423 -17.28 -3.23 27.28
C THR A 423 -17.99 -4.58 27.46
N PRO A 424 -18.52 -5.13 26.35
CA PRO A 424 -19.22 -6.41 26.38
C PRO A 424 -18.50 -7.45 27.23
N SER A 425 -19.23 -8.11 28.12
CA SER A 425 -18.64 -9.12 28.99
C SER A 425 -18.01 -10.27 28.21
N LEU A 426 -18.51 -10.53 27.00
CA LEU A 426 -17.97 -11.60 26.18
C LEU A 426 -16.60 -11.21 25.63
N LEU A 427 -16.39 -9.91 25.42
CA LEU A 427 -15.12 -9.43 24.90
C LEU A 427 -14.06 -9.31 25.99
N GLU A 428 -14.50 -9.34 27.24
CA GLU A 428 -13.56 -9.25 28.36
C GLU A 428 -13.00 -10.61 28.72
N ASN A 429 -13.88 -11.61 28.77
CA ASN A 429 -13.46 -12.96 29.11
C ASN A 429 -14.27 -13.99 28.34
N VAL A 430 -13.62 -15.05 27.91
CA VAL A 430 -14.29 -16.11 27.17
C VAL A 430 -14.02 -17.48 27.77
N ALA A 431 -15.08 -18.14 28.21
CA ALA A 431 -15.00 -19.47 28.80
C ALA A 431 -15.81 -20.36 27.86
N VAL A 432 -15.15 -21.33 27.23
CA VAL A 432 -15.82 -22.18 26.26
C VAL A 432 -16.19 -23.61 26.60
N ILE A 433 -17.45 -23.95 26.34
CA ILE A 433 -17.94 -25.30 26.52
C ILE A 433 -17.91 -25.83 25.09
N ASN A 434 -16.90 -26.62 24.76
CA ASN A 434 -16.75 -27.17 23.42
C ASN A 434 -17.58 -28.44 23.26
N ILE A 435 -18.45 -28.46 22.26
CA ILE A 435 -19.30 -29.62 22.07
C ILE A 435 -18.89 -30.56 20.93
N GLY A 436 -18.73 -30.07 19.72
CA GLY A 436 -18.35 -30.96 18.62
C GLY A 436 -16.98 -31.63 18.63
N LEU A 437 -16.10 -31.16 17.75
CA LEU A 437 -14.76 -31.72 17.59
C LEU A 437 -13.83 -31.48 18.77
N ARG A 438 -13.13 -32.54 19.17
CA ARG A 438 -12.21 -32.48 20.30
C ARG A 438 -10.99 -31.61 19.97
N SER A 439 -10.53 -31.66 18.73
CA SER A 439 -9.37 -30.88 18.31
C SER A 439 -9.52 -29.41 18.66
N PHE A 440 -10.73 -28.86 18.53
CA PHE A 440 -10.95 -27.45 18.86
C PHE A 440 -10.69 -27.22 20.34
N ALA A 441 -11.16 -28.16 21.17
CA ALA A 441 -10.95 -28.05 22.62
C ALA A 441 -9.45 -28.14 22.89
N LEU A 442 -8.78 -29.04 22.18
CA LEU A 442 -7.35 -29.22 22.34
C LEU A 442 -6.57 -27.96 21.96
N GLU A 443 -6.87 -27.36 20.82
CA GLU A 443 -6.17 -26.14 20.41
C GLU A 443 -6.39 -25.03 21.43
N LEU A 444 -7.55 -25.02 22.07
CA LEU A 444 -7.87 -24.03 23.08
C LEU A 444 -7.02 -24.30 24.32
N GLN A 445 -6.73 -25.58 24.54
CA GLN A 445 -5.93 -26.02 25.67
C GLN A 445 -4.54 -25.40 25.51
N SER A 446 -4.05 -25.41 24.26
CA SER A 446 -2.74 -24.84 23.95
C SER A 446 -2.69 -23.38 24.33
N ALA A 447 -3.74 -22.63 23.98
CA ALA A 447 -3.79 -21.21 24.30
C ALA A 447 -4.02 -21.04 25.79
N SER A 448 -4.14 -22.15 26.51
CA SER A 448 -4.37 -22.12 27.94
C SER A 448 -5.59 -21.26 28.27
N LYS A 449 -6.66 -21.45 27.51
CA LYS A 449 -7.89 -20.71 27.74
C LYS A 449 -8.91 -21.65 28.37
N PRO A 450 -9.75 -21.13 29.27
CA PRO A 450 -10.76 -21.95 29.94
C PRO A 450 -11.66 -22.72 28.98
N VAL A 451 -11.53 -24.05 29.00
CA VAL A 451 -12.31 -24.91 28.12
C VAL A 451 -12.68 -26.24 28.78
N VAL A 452 -13.89 -26.69 28.47
CA VAL A 452 -14.40 -27.95 28.95
C VAL A 452 -14.97 -28.64 27.71
N HIS A 453 -14.49 -29.87 27.45
CA HIS A 453 -14.94 -30.60 26.28
C HIS A 453 -16.12 -31.53 26.55
N TYR A 454 -17.25 -31.20 25.92
CA TYR A 454 -18.48 -31.96 26.06
C TYR A 454 -18.54 -32.99 24.94
N GLN A 455 -18.06 -34.21 25.21
CA GLN A 455 -18.10 -35.27 24.21
C GLN A 455 -19.57 -35.52 23.94
N TRP A 456 -19.95 -35.36 22.69
CA TRP A 456 -21.34 -35.53 22.29
C TRP A 456 -21.41 -36.42 21.06
N SER A 457 -22.48 -37.19 20.95
CA SER A 457 -22.66 -38.08 19.81
C SER A 457 -24.14 -38.29 19.50
N PRO A 458 -24.47 -38.43 18.21
CA PRO A 458 -25.84 -38.63 17.75
C PRO A 458 -26.27 -40.10 17.87
N VAL A 459 -25.33 -40.95 18.26
CA VAL A 459 -25.58 -42.38 18.39
C VAL A 459 -25.50 -42.83 19.86
N ALA A 460 -26.43 -43.70 20.24
CA ALA A 460 -26.46 -44.24 21.59
C ALA A 460 -25.07 -44.79 21.92
N GLY A 461 -24.74 -44.81 23.21
CA GLY A 461 -23.44 -45.29 23.64
C GLY A 461 -23.06 -46.69 23.20
N GLY A 462 -24.00 -47.62 23.28
CA GLY A 462 -23.72 -48.99 22.91
C GLY A 462 -23.82 -49.34 21.44
N ASN A 463 -24.41 -48.46 20.64
CA ASN A 463 -24.56 -48.73 19.22
C ASN A 463 -23.23 -48.53 18.50
N LYS A 464 -22.34 -49.51 18.63
CA LYS A 464 -21.02 -49.43 18.00
C LYS A 464 -21.12 -49.55 16.49
N LYS A 465 -22.04 -50.37 16.00
CA LYS A 465 -22.20 -50.53 14.56
C LYS A 465 -22.41 -49.20 13.88
N LEU A 466 -23.42 -48.46 14.34
CA LEU A 466 -23.74 -47.18 13.74
C LEU A 466 -22.61 -46.17 13.95
N ALA A 467 -21.98 -46.22 15.11
CA ALA A 467 -20.87 -45.30 15.40
C ALA A 467 -19.73 -45.57 14.42
N ARG A 468 -19.40 -46.84 14.25
CA ARG A 468 -18.34 -47.24 13.34
C ARG A 468 -18.69 -46.85 11.90
N LEU A 469 -19.96 -46.97 11.55
CA LEU A 469 -20.42 -46.64 10.20
C LEU A 469 -20.30 -45.15 9.90
N LEU A 470 -20.82 -44.34 10.80
CA LEU A 470 -20.77 -42.88 10.63
C LEU A 470 -19.32 -42.42 10.46
N GLU A 471 -18.44 -42.89 11.32
CA GLU A 471 -17.03 -42.53 11.25
C GLU A 471 -16.47 -42.88 9.87
N ARG A 472 -16.62 -44.16 9.50
CA ARG A 472 -16.13 -44.65 8.23
C ARG A 472 -16.60 -43.80 7.04
N LEU A 473 -17.89 -43.47 7.01
CA LEU A 473 -18.42 -42.68 5.89
C LEU A 473 -17.90 -41.24 5.83
N GLN A 474 -17.57 -40.68 6.99
CA GLN A 474 -17.08 -39.31 7.02
C GLN A 474 -15.61 -39.20 6.60
N ALA B 20 40.54 18.95 -6.92
CA ALA B 20 39.69 20.17 -6.80
C ALA B 20 38.88 20.42 -8.07
N LEU B 21 37.87 21.26 -7.96
CA LEU B 21 36.96 21.58 -9.05
C LEU B 21 37.61 22.26 -10.24
N THR B 22 37.49 21.63 -11.42
CA THR B 22 38.03 22.20 -12.65
C THR B 22 37.13 23.36 -13.05
N GLN B 23 37.72 24.55 -13.17
CA GLN B 23 36.97 25.73 -13.56
C GLN B 23 37.43 26.26 -14.91
N VAL B 24 36.47 26.76 -15.68
CA VAL B 24 36.72 27.21 -17.04
C VAL B 24 35.94 28.50 -17.37
N ARG B 25 36.33 29.19 -18.44
CA ARG B 25 35.66 30.42 -18.83
C ARG B 25 35.15 30.46 -20.27
N ARG B 26 35.36 29.39 -21.03
CA ARG B 26 34.91 29.34 -22.42
C ARG B 26 34.52 27.90 -22.81
N TRP B 27 33.67 27.77 -23.82
CA TRP B 27 33.25 26.44 -24.29
C TRP B 27 34.49 25.62 -24.68
N ASP B 28 35.46 26.31 -25.29
CA ASP B 28 36.75 25.73 -25.70
C ASP B 28 37.28 24.80 -24.63
N SER B 29 37.67 25.45 -23.54
CA SER B 29 38.25 24.81 -22.37
C SER B 29 37.36 23.74 -21.80
N ALA B 30 36.09 24.06 -21.61
CA ALA B 30 35.16 23.07 -21.08
C ALA B 30 35.27 21.74 -21.83
N CYS B 31 35.02 21.77 -23.14
CA CYS B 31 35.06 20.56 -23.95
C CYS B 31 36.43 19.89 -24.04
N GLN B 32 37.49 20.70 -24.06
CA GLN B 32 38.83 20.12 -24.13
C GLN B 32 39.10 19.40 -22.82
N LYS B 33 38.65 19.99 -21.71
CA LYS B 33 38.85 19.38 -20.38
C LYS B 33 37.91 18.21 -20.09
N LEU B 34 36.72 18.24 -20.69
CA LEU B 34 35.74 17.18 -20.49
C LEU B 34 35.39 16.62 -21.87
N PRO B 35 36.34 15.90 -22.49
CA PRO B 35 36.13 15.32 -23.82
C PRO B 35 34.90 14.43 -23.94
N ASP B 36 34.40 13.92 -22.83
CA ASP B 36 33.20 13.09 -22.89
C ASP B 36 31.93 13.84 -22.47
N ALA B 37 32.01 15.17 -22.39
CA ALA B 37 30.85 15.97 -22.00
C ALA B 37 29.62 15.47 -22.74
N ASN B 38 28.55 15.27 -21.97
CA ASN B 38 27.26 14.72 -22.42
C ASN B 38 26.11 15.69 -22.22
N LEU B 39 26.26 16.55 -21.23
CA LEU B 39 25.19 17.43 -20.87
C LEU B 39 25.66 18.76 -20.33
N ALA B 40 24.88 19.80 -20.60
CA ALA B 40 25.18 21.14 -20.11
C ALA B 40 24.09 21.40 -19.07
N LEU B 41 24.49 21.58 -17.82
CA LEU B 41 23.53 21.89 -16.76
C LEU B 41 23.57 23.41 -16.64
N ILE B 42 22.47 24.06 -17.01
CA ILE B 42 22.42 25.51 -17.01
C ILE B 42 21.52 26.13 -15.93
N SER B 43 22.11 27.02 -15.14
CA SER B 43 21.39 27.71 -14.07
C SER B 43 21.64 29.21 -14.09
N VAL B 44 22.05 29.73 -15.24
CA VAL B 44 22.30 31.17 -15.38
C VAL B 44 20.96 31.89 -15.38
N ALA B 45 21.01 33.22 -15.41
CA ALA B 45 19.80 34.03 -15.42
C ALA B 45 18.97 33.65 -16.64
N GLY B 46 17.67 33.45 -16.42
CA GLY B 46 16.77 33.04 -17.48
C GLY B 46 16.86 33.73 -18.82
N GLU B 47 17.08 35.04 -18.83
CA GLU B 47 17.15 35.77 -20.08
C GLU B 47 18.33 35.29 -20.94
N TYR B 48 19.24 34.55 -20.33
CA TYR B 48 20.38 34.02 -21.05
C TYR B 48 20.37 32.49 -21.18
N ALA B 49 19.45 31.81 -20.49
CA ALA B 49 19.41 30.35 -20.54
C ALA B 49 19.22 29.72 -21.93
N ALA B 50 18.28 30.24 -22.72
CA ALA B 50 18.05 29.69 -24.05
C ALA B 50 19.27 29.87 -24.94
N GLU B 51 19.95 31.01 -24.81
CA GLU B 51 21.13 31.25 -25.62
C GLU B 51 22.22 30.24 -25.31
N LEU B 52 22.46 29.96 -24.02
CA LEU B 52 23.47 28.97 -23.65
C LEU B 52 23.00 27.59 -24.09
N ALA B 53 21.70 27.35 -24.01
CA ALA B 53 21.15 26.06 -24.41
C ALA B 53 21.41 25.80 -25.90
N ASN B 54 21.24 26.82 -26.75
CA ASN B 54 21.51 26.63 -28.17
C ASN B 54 23.01 26.45 -28.41
N GLN B 55 23.84 27.10 -27.61
CA GLN B 55 25.28 26.92 -27.79
C GLN B 55 25.62 25.47 -27.43
N ALA B 56 24.91 24.91 -26.45
CA ALA B 56 25.17 23.53 -26.06
C ALA B 56 24.72 22.60 -27.20
N LEU B 57 23.59 22.94 -27.83
CA LEU B 57 23.09 22.13 -28.93
C LEU B 57 24.01 22.27 -30.15
N ASP B 58 24.66 23.43 -30.30
CA ASP B 58 25.58 23.61 -31.40
C ASP B 58 26.72 22.60 -31.25
N ARG B 59 26.92 22.12 -30.02
CA ARG B 59 27.97 21.15 -29.76
C ARG B 59 27.41 19.76 -29.50
N ASN B 60 26.17 19.56 -29.96
CA ASN B 60 25.49 18.28 -29.81
C ASN B 60 25.48 17.76 -28.38
N LEU B 61 25.24 18.65 -27.44
CA LEU B 61 25.17 18.28 -26.03
C LEU B 61 23.73 18.27 -25.56
N ASN B 62 23.40 17.37 -24.65
CA ASN B 62 22.07 17.33 -24.10
C ASN B 62 22.03 18.54 -23.16
N VAL B 63 20.83 19.00 -22.84
CA VAL B 63 20.66 20.16 -21.99
C VAL B 63 19.65 19.98 -20.85
N MSE B 64 19.98 20.59 -19.72
CA MSE B 64 19.07 20.61 -18.58
C MSE B 64 19.07 22.03 -18.07
O MSE B 64 20.09 22.54 -17.57
CB MSE B 64 19.51 19.67 -17.45
CG MSE B 64 18.61 19.84 -16.21
SE MSE B 64 18.60 18.39 -14.98
CE MSE B 64 17.98 19.37 -13.43
N MSE B 65 17.93 22.70 -18.23
CA MSE B 65 17.82 24.06 -17.77
C MSE B 65 17.09 24.12 -16.44
O MSE B 65 15.87 23.93 -16.37
CB MSE B 65 17.07 24.91 -18.81
CG MSE B 65 17.88 25.32 -20.03
SE MSE B 65 16.80 26.39 -21.25
CE MSE B 65 15.65 24.97 -21.86
N PHE B 66 17.86 24.34 -15.38
CA PHE B 66 17.31 24.47 -14.04
C PHE B 66 16.73 25.87 -14.06
N SER B 67 17.49 26.75 -14.70
CA SER B 67 17.16 28.15 -14.86
C SER B 67 15.71 28.42 -15.22
N ASP B 68 15.15 29.40 -14.52
CA ASP B 68 13.77 29.83 -14.70
C ASP B 68 13.76 31.03 -15.63
N ASN B 69 12.59 31.67 -15.76
CA ASN B 69 12.44 32.87 -16.59
C ASN B 69 12.83 32.68 -18.06
N VAL B 70 12.33 31.61 -18.66
CA VAL B 70 12.59 31.31 -20.06
C VAL B 70 11.23 31.20 -20.74
N THR B 71 11.09 31.84 -21.90
CA THR B 71 9.82 31.86 -22.61
C THR B 71 9.41 30.54 -23.27
N LEU B 72 8.10 30.36 -23.41
CA LEU B 72 7.55 29.19 -24.05
C LEU B 72 8.17 29.08 -25.44
N GLU B 73 8.26 30.22 -26.10
CA GLU B 73 8.80 30.30 -27.44
C GLU B 73 10.19 29.66 -27.50
N ASP B 74 11.08 30.08 -26.61
CA ASP B 74 12.43 29.52 -26.61
C ASP B 74 12.42 28.04 -26.21
N GLU B 75 11.52 27.65 -25.32
CA GLU B 75 11.42 26.25 -24.88
C GLU B 75 11.10 25.37 -26.08
N ILE B 76 10.09 25.77 -26.84
CA ILE B 76 9.66 25.02 -28.01
C ILE B 76 10.76 24.97 -29.05
N GLN B 77 11.45 26.09 -29.27
CA GLN B 77 12.54 26.10 -30.25
C GLN B 77 13.62 25.11 -29.82
N LEU B 78 14.07 25.23 -28.58
CA LEU B 78 15.10 24.35 -28.05
C LEU B 78 14.73 22.87 -28.09
N LYS B 79 13.54 22.54 -27.61
CA LYS B 79 13.15 21.13 -27.61
C LYS B 79 12.92 20.56 -29.00
N THR B 80 12.34 21.34 -29.93
CA THR B 80 12.11 20.81 -31.27
C THR B 80 13.46 20.60 -31.95
N ARG B 81 14.39 21.52 -31.71
CA ARG B 81 15.72 21.38 -32.29
C ARG B 81 16.42 20.13 -31.73
N ALA B 82 16.28 19.96 -30.42
CA ALA B 82 16.88 18.82 -29.75
C ALA B 82 16.35 17.52 -30.32
N ARG B 83 15.04 17.42 -30.46
CA ARG B 83 14.43 16.21 -30.98
C ARG B 83 15.04 15.86 -32.35
N GLU B 84 15.18 16.86 -33.20
CA GLU B 84 15.77 16.66 -34.52
C GLU B 84 17.17 16.11 -34.43
N LYS B 85 17.95 16.61 -33.47
CA LYS B 85 19.33 16.17 -33.30
C LYS B 85 19.47 14.87 -32.53
N GLY B 86 18.35 14.27 -32.14
CA GLY B 86 18.43 13.03 -31.38
C GLY B 86 18.96 13.28 -29.97
N LEU B 87 18.79 14.51 -29.48
CA LEU B 87 19.23 14.89 -28.14
C LEU B 87 18.04 15.22 -27.23
N LEU B 88 18.32 15.55 -25.98
CA LEU B 88 17.27 15.87 -25.03
C LEU B 88 17.47 17.20 -24.32
N VAL B 89 16.40 17.99 -24.22
CA VAL B 89 16.46 19.26 -23.52
C VAL B 89 15.45 19.16 -22.39
N MSE B 90 15.93 19.13 -21.16
CA MSE B 90 15.04 19.03 -20.03
C MSE B 90 14.61 20.44 -19.68
O MSE B 90 15.36 21.21 -19.07
CB MSE B 90 15.72 18.28 -18.89
CG MSE B 90 16.05 16.84 -19.30
SE MSE B 90 17.16 15.88 -18.11
CE MSE B 90 18.75 15.94 -19.19
N GLY B 91 13.41 20.74 -20.18
CA GLY B 91 12.72 22.01 -20.08
C GLY B 91 13.15 22.99 -19.04
N PRO B 92 12.87 24.27 -19.28
CA PRO B 92 13.25 25.30 -18.30
C PRO B 92 12.52 24.99 -17.01
N ASP B 93 13.09 25.45 -15.90
CA ASP B 93 12.50 25.23 -14.58
C ASP B 93 12.45 23.75 -14.22
N CYS B 94 13.53 23.04 -14.51
CA CYS B 94 13.62 21.62 -14.18
C CYS B 94 14.54 21.60 -12.98
N GLY B 95 13.98 21.41 -11.79
CA GLY B 95 14.80 21.42 -10.59
C GLY B 95 15.44 20.09 -10.22
N THR B 96 14.95 19.01 -10.81
CA THR B 96 15.45 17.69 -10.46
C THR B 96 15.63 16.65 -11.55
N SER B 97 16.74 15.91 -11.45
CA SER B 97 17.03 14.81 -12.35
C SER B 97 18.18 14.00 -11.76
N MSE B 98 18.22 12.71 -12.08
CA MSE B 98 19.31 11.84 -11.69
C MSE B 98 19.49 10.92 -12.88
O MSE B 98 18.58 10.18 -13.25
CB MSE B 98 19.04 11.02 -10.42
CG MSE B 98 20.27 10.14 -10.09
SE MSE B 98 20.55 9.59 -8.24
CE MSE B 98 22.06 10.71 -7.76
N ILE B 99 20.64 11.00 -13.51
CA ILE B 99 20.88 10.20 -14.69
C ILE B 99 22.17 9.43 -14.57
N ALA B 100 22.07 8.12 -14.75
CA ALA B 100 23.22 7.23 -14.65
C ALA B 100 23.97 7.49 -13.36
N GLY B 101 23.23 7.61 -12.26
CA GLY B 101 23.81 7.85 -10.97
C GLY B 101 24.28 9.28 -10.72
N THR B 102 24.00 10.19 -11.64
CA THR B 102 24.44 11.57 -11.50
C THR B 102 23.33 12.48 -10.99
N PRO B 103 23.49 13.03 -9.78
CA PRO B 103 22.49 13.93 -9.20
C PRO B 103 22.58 15.30 -9.86
N LEU B 104 21.48 15.76 -10.46
CA LEU B 104 21.46 17.06 -11.12
C LEU B 104 20.52 18.04 -10.40
N ALA B 105 21.08 19.12 -9.88
CA ALA B 105 20.35 20.16 -9.15
C ALA B 105 19.74 19.56 -7.88
N PHE B 106 18.44 19.76 -7.66
CA PHE B 106 17.79 19.20 -6.46
C PHE B 106 17.53 17.71 -6.65
N ALA B 107 18.50 16.89 -6.31
CA ALA B 107 18.37 15.45 -6.47
C ALA B 107 18.68 14.71 -5.18
N ASN B 108 18.43 13.41 -5.19
CA ASN B 108 18.69 12.60 -4.01
C ASN B 108 19.59 11.41 -4.32
N VAL B 109 20.31 10.92 -3.32
CA VAL B 109 21.16 9.77 -3.53
C VAL B 109 20.21 8.57 -3.53
N MSE B 110 20.13 7.91 -4.68
CA MSE B 110 19.23 6.78 -4.85
C MSE B 110 19.88 5.43 -5.08
O MSE B 110 20.89 5.33 -5.76
CB MSE B 110 18.29 7.06 -6.03
CG MSE B 110 17.23 8.09 -5.77
SE MSE B 110 15.85 7.46 -4.57
CE MSE B 110 15.13 6.06 -5.71
N PRO B 111 19.30 4.37 -4.51
CA PRO B 111 19.88 3.04 -4.72
C PRO B 111 19.58 2.63 -6.16
N GLU B 112 20.42 1.80 -6.77
CA GLU B 112 20.20 1.38 -8.14
C GLU B 112 19.10 0.32 -8.16
N GLY B 113 18.18 0.46 -9.10
CA GLY B 113 17.09 -0.49 -9.24
C GLY B 113 16.60 -0.65 -10.67
N ASN B 114 15.45 -1.27 -10.85
CA ASN B 114 14.93 -1.51 -12.20
C ASN B 114 13.80 -0.58 -12.64
N ILE B 115 13.59 0.51 -11.90
CA ILE B 115 12.53 1.45 -12.27
C ILE B 115 13.06 2.75 -12.89
N GLY B 116 12.55 3.08 -14.08
CA GLY B 116 12.96 4.31 -14.76
C GLY B 116 11.87 5.34 -14.49
N VAL B 117 12.25 6.52 -14.01
CA VAL B 117 11.28 7.57 -13.70
C VAL B 117 11.36 8.79 -14.62
N ILE B 118 10.20 9.34 -14.95
CA ILE B 118 10.12 10.52 -15.79
C ILE B 118 9.15 11.47 -15.12
N GLY B 119 9.48 12.75 -15.08
CA GLY B 119 8.58 13.68 -14.43
C GLY B 119 8.68 15.12 -14.88
N ALA B 120 7.52 15.75 -14.94
CA ALA B 120 7.40 17.15 -15.31
C ALA B 120 7.03 17.77 -13.98
N SER B 121 7.83 17.44 -12.97
CA SER B 121 7.63 17.91 -11.62
C SER B 121 8.95 17.84 -10.85
N GLY B 122 9.13 18.75 -9.91
CA GLY B 122 10.35 18.75 -9.14
C GLY B 122 10.24 17.82 -7.95
N THR B 123 9.54 18.25 -6.91
CA THR B 123 9.41 17.42 -5.72
C THR B 123 8.55 16.18 -5.96
N GLY B 124 7.83 16.17 -7.08
CA GLY B 124 7.01 15.03 -7.44
C GLY B 124 7.94 13.88 -7.79
N ILE B 125 9.01 14.18 -8.53
CA ILE B 125 9.98 13.15 -8.86
C ILE B 125 10.67 12.72 -7.56
N GLN B 126 10.99 13.69 -6.71
CA GLN B 126 11.67 13.40 -5.45
C GLN B 126 10.88 12.53 -4.49
N GLU B 127 9.60 12.86 -4.30
CA GLU B 127 8.78 12.09 -3.38
C GLU B 127 8.55 10.67 -3.90
N LEU B 128 8.25 10.56 -5.18
CA LEU B 128 8.05 9.25 -5.80
C LEU B 128 9.30 8.37 -5.59
N CYS B 129 10.47 8.93 -5.86
CA CYS B 129 11.71 8.18 -5.70
C CYS B 129 11.94 7.88 -4.22
N SER B 130 11.75 8.87 -3.36
CA SER B 130 11.92 8.66 -1.93
C SER B 130 11.04 7.48 -1.50
N GLN B 131 9.82 7.41 -2.02
CA GLN B 131 8.94 6.30 -1.65
C GLN B 131 9.46 4.98 -2.22
N ILE B 132 9.88 4.99 -3.47
CA ILE B 132 10.43 3.81 -4.13
C ILE B 132 11.62 3.27 -3.32
N ALA B 133 12.48 4.16 -2.84
CA ALA B 133 13.63 3.74 -2.06
C ALA B 133 13.18 3.12 -0.74
N LEU B 134 12.22 3.75 -0.07
CA LEU B 134 11.74 3.22 1.20
C LEU B 134 11.14 1.82 1.06
N ALA B 135 10.51 1.54 -0.08
CA ALA B 135 9.92 0.22 -0.30
C ALA B 135 10.98 -0.83 -0.64
N GLY B 136 12.24 -0.40 -0.68
CA GLY B 136 13.31 -1.35 -0.97
C GLY B 136 13.72 -1.49 -2.42
N GLU B 137 13.13 -0.69 -3.30
CA GLU B 137 13.49 -0.79 -4.71
C GLU B 137 14.39 0.38 -5.06
N GLY B 138 14.79 0.45 -6.33
CA GLY B 138 15.66 1.52 -6.77
C GLY B 138 15.31 1.94 -8.18
N ILE B 139 16.07 2.89 -8.71
CA ILE B 139 15.80 3.37 -10.04
C ILE B 139 17.01 3.29 -10.95
N THR B 140 16.76 3.47 -12.24
CA THR B 140 17.81 3.50 -13.23
C THR B 140 18.15 4.99 -13.41
N HIS B 141 17.12 5.79 -13.64
CA HIS B 141 17.24 7.24 -13.85
C HIS B 141 15.92 7.92 -13.47
N ALA B 142 15.98 9.23 -13.28
CA ALA B 142 14.79 10.04 -12.98
C ALA B 142 14.98 11.26 -13.90
N ILE B 143 14.30 11.25 -15.04
CA ILE B 143 14.42 12.31 -16.04
C ILE B 143 13.41 13.47 -15.88
N GLY B 144 13.92 14.63 -15.49
CA GLY B 144 13.08 15.82 -15.32
C GLY B 144 12.80 16.37 -16.71
N LEU B 145 11.61 16.91 -16.93
CA LEU B 145 11.22 17.41 -18.25
C LEU B 145 11.03 18.91 -18.36
N GLY B 146 10.71 19.53 -17.24
CA GLY B 146 10.44 20.94 -17.23
C GLY B 146 8.97 21.03 -16.94
N GLY B 147 8.57 21.95 -16.08
CA GLY B 147 7.17 22.08 -15.71
C GLY B 147 6.15 22.24 -16.82
N ARG B 148 6.54 22.86 -17.93
CA ARG B 148 5.58 23.08 -19.02
C ARG B 148 5.66 22.10 -20.18
N ASP B 149 6.49 21.07 -20.07
CA ASP B 149 6.62 20.14 -21.19
C ASP B 149 5.32 19.53 -21.70
N LEU B 150 4.42 19.14 -20.80
CA LEU B 150 3.18 18.53 -21.23
C LEU B 150 2.05 19.50 -21.54
N SER B 151 2.35 20.79 -21.55
CA SER B 151 1.32 21.78 -21.83
C SER B 151 0.93 21.68 -23.31
N ARG B 152 -0.18 22.32 -23.65
CA ARG B 152 -0.70 22.30 -25.01
C ARG B 152 0.31 22.87 -26.02
N GLU B 153 0.93 23.99 -25.68
CA GLU B 153 1.89 24.64 -26.55
C GLU B 153 3.13 23.80 -26.86
N VAL B 154 3.72 23.20 -25.83
CA VAL B 154 4.92 22.38 -26.01
C VAL B 154 4.60 21.01 -26.60
N GLY B 155 3.55 20.36 -26.11
CA GLY B 155 3.17 19.07 -26.66
C GLY B 155 3.88 17.81 -26.21
N GLY B 156 4.58 17.86 -25.08
CA GLY B 156 5.28 16.68 -24.58
C GLY B 156 6.51 16.25 -25.37
N ILE B 157 7.17 17.18 -26.03
CA ILE B 157 8.35 16.86 -26.82
C ILE B 157 9.37 16.05 -26.02
N SER B 158 9.81 16.59 -24.89
CA SER B 158 10.78 15.90 -24.05
C SER B 158 10.20 14.64 -23.41
N ALA B 159 8.90 14.65 -23.13
CA ALA B 159 8.25 13.51 -22.51
C ALA B 159 8.37 12.31 -23.45
N LEU B 160 8.11 12.55 -24.73
CA LEU B 160 8.19 11.52 -25.75
C LEU B 160 9.61 11.00 -25.87
N THR B 161 10.56 11.92 -25.89
CA THR B 161 11.96 11.52 -26.00
C THR B 161 12.38 10.62 -24.83
N ALA B 162 12.15 11.10 -23.61
CA ALA B 162 12.49 10.36 -22.41
C ALA B 162 11.86 8.97 -22.46
N LEU B 163 10.59 8.91 -22.83
CA LEU B 163 9.91 7.62 -22.91
C LEU B 163 10.65 6.71 -23.90
N GLU B 164 11.03 7.29 -25.04
CA GLU B 164 11.75 6.52 -26.06
C GLU B 164 13.10 6.05 -25.48
N MSE B 165 13.78 6.93 -24.76
CA MSE B 165 15.07 6.56 -24.18
C MSE B 165 14.95 5.44 -23.15
O MSE B 165 15.71 4.48 -23.19
CB MSE B 165 15.71 7.78 -23.52
CG MSE B 165 16.06 8.92 -24.46
SE MSE B 165 16.90 10.38 -23.53
CE MSE B 165 15.31 11.38 -23.13
N LEU B 166 13.98 5.53 -22.24
CA LEU B 166 13.81 4.49 -21.24
C LEU B 166 13.26 3.21 -21.85
N SER B 167 12.52 3.34 -22.94
CA SER B 167 11.97 2.20 -23.63
C SER B 167 13.13 1.37 -24.22
N ALA B 168 14.19 2.06 -24.60
CA ALA B 168 15.36 1.41 -25.18
C ALA B 168 16.39 0.98 -24.13
N ASP B 169 16.20 1.40 -22.89
CA ASP B 169 17.13 1.03 -21.82
C ASP B 169 16.72 -0.28 -21.16
N GLU B 170 17.49 -1.33 -21.42
CA GLU B 170 17.20 -2.64 -20.87
C GLU B 170 17.07 -2.68 -19.35
N LYS B 171 17.90 -1.93 -18.63
CA LYS B 171 17.82 -1.94 -17.17
C LYS B 171 16.53 -1.33 -16.64
N SER B 172 15.91 -0.45 -17.43
CA SER B 172 14.65 0.15 -17.00
C SER B 172 13.56 -0.84 -17.33
N GLU B 173 13.28 -1.75 -16.39
CA GLU B 173 12.27 -2.79 -16.60
C GLU B 173 10.84 -2.36 -16.27
N VAL B 174 10.72 -1.33 -15.45
CA VAL B 174 9.41 -0.78 -15.08
C VAL B 174 9.52 0.73 -15.19
N LEU B 175 8.48 1.37 -15.72
CA LEU B 175 8.52 2.82 -15.87
C LEU B 175 7.49 3.53 -15.01
N ALA B 176 7.83 4.73 -14.55
CA ALA B 176 6.92 5.51 -13.72
C ALA B 176 7.03 6.95 -14.16
N PHE B 177 5.89 7.49 -14.60
CA PHE B 177 5.76 8.86 -15.11
C PHE B 177 4.89 9.70 -14.20
N VAL B 178 5.31 10.91 -13.89
CA VAL B 178 4.52 11.77 -13.03
C VAL B 178 4.43 13.20 -13.54
N SER B 179 3.21 13.73 -13.58
CA SER B 179 3.00 15.10 -14.02
C SER B 179 1.59 15.55 -13.76
N LYS B 180 1.36 16.86 -13.91
CA LYS B 180 0.03 17.41 -13.75
C LYS B 180 -0.76 16.83 -14.91
N PRO B 181 -2.09 16.73 -14.76
CA PRO B 181 -2.93 16.18 -15.83
C PRO B 181 -2.79 17.01 -17.10
N PRO B 182 -2.33 16.39 -18.18
CA PRO B 182 -2.18 17.11 -19.44
C PRO B 182 -3.51 17.16 -20.19
N ALA B 183 -3.70 18.20 -20.99
CA ALA B 183 -4.94 18.32 -21.76
C ALA B 183 -5.16 17.05 -22.57
N GLU B 184 -6.41 16.80 -22.93
CA GLU B 184 -6.82 15.62 -23.68
C GLU B 184 -5.88 15.13 -24.79
N ALA B 185 -5.62 15.97 -25.79
CA ALA B 185 -4.77 15.56 -26.91
C ALA B 185 -3.38 15.13 -26.48
N VAL B 186 -2.76 15.92 -25.61
CA VAL B 186 -1.42 15.62 -25.11
C VAL B 186 -1.45 14.31 -24.33
N ARG B 187 -2.43 14.19 -23.44
CA ARG B 187 -2.58 13.00 -22.62
C ARG B 187 -2.71 11.74 -23.47
N LEU B 188 -3.49 11.81 -24.55
CA LEU B 188 -3.66 10.66 -25.42
C LEU B 188 -2.34 10.27 -26.04
N LYS B 189 -1.64 11.26 -26.59
CA LYS B 189 -0.34 11.04 -27.22
C LYS B 189 0.64 10.40 -26.24
N ILE B 190 0.66 10.90 -25.01
CA ILE B 190 1.54 10.38 -23.99
C ILE B 190 1.21 8.92 -23.61
N VAL B 191 -0.05 8.67 -23.33
CA VAL B 191 -0.45 7.32 -22.96
C VAL B 191 -0.10 6.33 -24.08
N ASN B 192 -0.29 6.75 -25.33
CA ASN B 192 0.02 5.87 -26.45
C ASN B 192 1.50 5.54 -26.50
N ALA B 193 2.34 6.54 -26.27
CA ALA B 193 3.78 6.30 -26.27
C ALA B 193 4.13 5.30 -25.13
N MSE B 194 3.46 5.43 -23.99
CA MSE B 194 3.72 4.52 -22.87
C MSE B 194 3.33 3.11 -23.29
O MSE B 194 4.03 2.15 -22.97
CB MSE B 194 2.90 4.92 -21.64
CG MSE B 194 3.40 6.17 -20.92
SE MSE B 194 2.08 6.74 -19.64
CE MSE B 194 2.80 8.46 -19.20
N LYS B 195 2.21 2.98 -24.00
CA LYS B 195 1.76 1.68 -24.47
C LYS B 195 2.80 1.10 -25.42
N ALA B 196 3.37 1.95 -26.27
CA ALA B 196 4.35 1.49 -27.25
C ALA B 196 5.65 0.93 -26.67
N THR B 197 6.02 1.37 -25.47
CA THR B 197 7.26 0.87 -24.86
C THR B 197 7.10 -0.62 -24.54
N GLY B 198 5.88 -1.01 -24.20
CA GLY B 198 5.62 -2.40 -23.87
C GLY B 198 5.95 -2.75 -22.42
N LYS B 199 6.65 -1.85 -21.74
CA LYS B 199 7.04 -2.08 -20.34
C LYS B 199 5.96 -1.72 -19.33
N PRO B 200 5.92 -2.45 -18.20
CA PRO B 200 4.92 -2.13 -17.17
C PRO B 200 5.14 -0.66 -16.81
N THR B 201 4.09 0.14 -16.87
CA THR B 201 4.21 1.57 -16.61
C THR B 201 3.14 2.16 -15.72
N VAL B 202 3.57 3.00 -14.78
CA VAL B 202 2.64 3.67 -13.89
C VAL B 202 2.53 5.13 -14.30
N ALA B 203 1.33 5.54 -14.68
CA ALA B 203 1.12 6.93 -15.10
C ALA B 203 0.43 7.72 -13.99
N LEU B 204 1.17 8.66 -13.41
CA LEU B 204 0.61 9.47 -12.34
C LEU B 204 0.31 10.87 -12.81
N PHE B 205 -0.97 11.16 -12.96
CA PHE B 205 -1.38 12.50 -13.36
C PHE B 205 -1.97 13.06 -12.08
N LEU B 206 -1.16 13.86 -11.39
CA LEU B 206 -1.50 14.46 -10.11
C LEU B 206 -2.91 15.02 -9.97
N GLY B 207 -3.62 14.51 -8.96
CA GLY B 207 -4.98 14.96 -8.68
C GLY B 207 -5.91 14.80 -9.87
N TYR B 208 -5.91 13.61 -10.45
CA TYR B 208 -6.73 13.32 -11.60
C TYR B 208 -7.34 11.94 -11.41
N THR B 209 -8.66 11.89 -11.26
CA THR B 209 -9.35 10.62 -11.07
C THR B 209 -9.43 9.83 -12.37
N PRO B 210 -8.72 8.70 -12.45
CA PRO B 210 -8.77 7.89 -13.68
C PRO B 210 -10.04 7.05 -13.68
N ALA B 211 -10.74 7.02 -14.81
CA ALA B 211 -11.95 6.21 -14.91
C ALA B 211 -11.51 4.76 -14.96
N VAL B 212 -10.51 4.49 -15.79
CA VAL B 212 -9.95 3.15 -15.94
C VAL B 212 -8.66 3.05 -15.13
N ALA B 213 -8.54 2.00 -14.32
CA ALA B 213 -7.37 1.82 -13.48
C ALA B 213 -6.17 1.22 -14.22
N ARG B 214 -6.45 0.47 -15.29
CA ARG B 214 -5.38 -0.14 -16.06
C ARG B 214 -5.77 -0.19 -17.52
N ASP B 215 -4.81 0.14 -18.39
CA ASP B 215 -5.03 0.10 -19.83
C ASP B 215 -3.82 -0.58 -20.42
N GLU B 216 -3.96 -1.87 -20.67
CA GLU B 216 -2.87 -2.65 -21.23
C GLU B 216 -1.68 -2.63 -20.27
N ASN B 217 -0.53 -2.14 -20.73
CA ASN B 217 0.65 -2.10 -19.87
C ASN B 217 0.71 -0.84 -19.01
N VAL B 218 -0.34 -0.03 -19.06
CA VAL B 218 -0.38 1.20 -18.27
C VAL B 218 -1.29 1.17 -17.06
N TRP B 219 -0.71 1.48 -15.92
CA TRP B 219 -1.46 1.54 -14.66
C TRP B 219 -1.55 3.03 -14.30
N PHE B 220 -2.78 3.50 -14.10
CA PHE B 220 -3.01 4.88 -13.75
C PHE B 220 -3.08 5.04 -12.24
N ALA B 221 -2.44 6.08 -11.71
CA ALA B 221 -2.46 6.32 -10.28
C ALA B 221 -2.89 7.75 -10.01
N SER B 222 -3.30 8.02 -8.77
CA SER B 222 -3.74 9.37 -8.40
C SER B 222 -2.81 10.09 -7.43
N SER B 223 -2.17 9.35 -6.54
CA SER B 223 -1.29 9.96 -5.55
C SER B 223 0.14 9.47 -5.68
N LEU B 224 1.06 10.21 -5.09
CA LEU B 224 2.47 9.83 -5.18
C LEU B 224 2.72 8.49 -4.50
N ASP B 225 2.16 8.28 -3.31
CA ASP B 225 2.38 7.02 -2.60
C ASP B 225 1.76 5.83 -3.33
N GLU B 226 0.61 6.02 -3.96
CA GLU B 226 -0.03 4.94 -4.70
C GLU B 226 0.83 4.60 -5.92
N ALA B 227 1.31 5.64 -6.60
CA ALA B 227 2.14 5.45 -7.79
C ALA B 227 3.37 4.66 -7.40
N ALA B 228 3.94 4.96 -6.24
CA ALA B 228 5.14 4.26 -5.77
C ALA B 228 4.81 2.80 -5.46
N ARG B 229 3.70 2.60 -4.77
CA ARG B 229 3.26 1.26 -4.40
C ARG B 229 3.14 0.40 -5.66
N LEU B 230 2.46 0.93 -6.68
CA LEU B 230 2.27 0.22 -7.92
C LEU B 230 3.58 0.01 -8.66
N ALA B 231 4.41 1.05 -8.72
CA ALA B 231 5.68 0.91 -9.41
C ALA B 231 6.51 -0.18 -8.76
N CYS B 232 6.46 -0.25 -7.44
CA CYS B 232 7.23 -1.28 -6.75
C CYS B 232 6.65 -2.68 -6.97
N LEU B 233 5.32 -2.77 -7.00
CA LEU B 233 4.64 -4.04 -7.25
C LEU B 233 5.06 -4.57 -8.64
N LEU B 234 5.03 -3.70 -9.64
CA LEU B 234 5.40 -4.10 -10.98
C LEU B 234 6.88 -4.42 -11.00
N SER B 235 7.65 -3.71 -10.18
CA SER B 235 9.09 -3.94 -10.10
C SER B 235 9.39 -5.37 -9.62
N ARG B 236 8.69 -5.79 -8.58
CA ARG B 236 8.92 -7.12 -8.03
C ARG B 236 8.51 -8.21 -9.00
N VAL B 237 7.36 -8.02 -9.63
CA VAL B 237 6.86 -9.01 -10.58
C VAL B 237 7.78 -9.13 -11.78
N THR B 238 8.14 -8.00 -12.36
CA THR B 238 9.00 -8.02 -13.53
C THR B 238 10.39 -8.55 -13.21
N ALA B 239 10.92 -8.23 -12.03
CA ALA B 239 12.24 -8.72 -11.66
C ALA B 239 12.22 -10.24 -11.50
N ARG B 240 11.17 -10.76 -10.87
CA ARG B 240 11.08 -12.20 -10.66
C ARG B 240 10.88 -12.95 -11.97
N ARG B 241 10.11 -12.37 -12.88
CA ARG B 241 9.86 -12.98 -14.17
C ARG B 241 11.12 -13.04 -15.00
N ASN B 242 11.83 -11.92 -15.08
CA ASN B 242 13.05 -11.87 -15.87
C ASN B 242 14.09 -12.82 -15.32
N ALA B 243 14.05 -13.08 -14.03
CA ALA B 243 15.00 -13.99 -13.42
C ALA B 243 14.66 -15.41 -13.89
N ILE B 244 13.40 -15.79 -13.73
CA ILE B 244 12.94 -17.12 -14.13
C ILE B 244 13.13 -17.34 -15.63
N ALA B 245 13.13 -16.24 -16.38
CA ALA B 245 13.30 -16.26 -17.84
C ALA B 245 12.52 -17.36 -18.55
N PRO B 246 11.18 -17.27 -18.51
CA PRO B 246 10.33 -18.27 -19.17
C PRO B 246 10.66 -18.39 -20.65
N VAL B 247 10.42 -19.57 -21.22
CA VAL B 247 10.70 -19.82 -22.63
C VAL B 247 9.46 -20.29 -23.37
N SER B 248 8.70 -21.18 -22.75
CA SER B 248 7.49 -21.72 -23.36
C SER B 248 6.22 -21.32 -22.61
N SER B 249 5.23 -20.84 -23.35
CA SER B 249 3.97 -20.44 -22.77
C SER B 249 3.25 -21.66 -22.22
N GLY B 250 2.11 -21.42 -21.58
CA GLY B 250 1.36 -22.53 -21.00
C GLY B 250 0.15 -22.07 -20.22
N PHE B 251 -0.26 -22.88 -19.25
CA PHE B 251 -1.44 -22.54 -18.48
C PHE B 251 -1.27 -22.36 -16.99
N ILE B 252 -2.21 -21.64 -16.41
CA ILE B 252 -2.20 -21.37 -14.98
C ILE B 252 -3.20 -22.30 -14.31
N CYS B 253 -2.77 -22.93 -13.22
CA CYS B 253 -3.63 -23.82 -12.46
C CYS B 253 -3.55 -23.43 -11.00
N GLY B 254 -4.63 -22.90 -10.46
CA GLY B 254 -4.67 -22.52 -9.07
C GLY B 254 -5.37 -23.58 -8.27
N LEU B 255 -4.70 -24.06 -7.23
CA LEU B 255 -5.26 -25.08 -6.36
C LEU B 255 -5.36 -24.49 -4.96
N TYR B 256 -6.54 -23.95 -4.64
CA TYR B 256 -6.77 -23.31 -3.36
C TYR B 256 -7.52 -24.12 -2.31
N THR B 257 -7.13 -23.93 -1.05
CA THR B 257 -7.75 -24.61 0.07
C THR B 257 -8.74 -23.66 0.73
N GLY B 258 -8.46 -22.37 0.65
CA GLY B 258 -9.35 -21.38 1.22
C GLY B 258 -10.31 -20.85 0.16
N GLY B 259 -11.61 -20.95 0.44
CA GLY B 259 -12.61 -20.50 -0.51
C GLY B 259 -12.58 -19.03 -0.86
N THR B 260 -12.50 -18.17 0.15
CA THR B 260 -12.47 -16.74 -0.10
C THR B 260 -11.26 -16.36 -0.94
N LEU B 261 -10.10 -16.90 -0.59
CA LEU B 261 -8.85 -16.61 -1.30
C LEU B 261 -8.95 -17.06 -2.75
N ALA B 262 -9.64 -18.18 -3.01
CA ALA B 262 -9.78 -18.68 -4.37
C ALA B 262 -10.54 -17.71 -5.26
N ALA B 263 -11.65 -17.19 -4.74
CA ALA B 263 -12.47 -16.24 -5.48
C ALA B 263 -11.74 -14.92 -5.74
N GLU B 264 -11.05 -14.39 -4.75
CA GLU B 264 -10.32 -13.14 -4.97
C GLU B 264 -9.22 -13.43 -6.01
N ALA B 265 -8.51 -14.53 -5.84
CA ALA B 265 -7.46 -14.86 -6.80
C ALA B 265 -8.09 -14.97 -8.20
N ALA B 266 -9.25 -15.61 -8.27
CA ALA B 266 -9.93 -15.77 -9.56
C ALA B 266 -10.31 -14.41 -10.13
N GLY B 267 -10.89 -13.57 -9.28
CA GLY B 267 -11.29 -12.25 -9.74
C GLY B 267 -10.11 -11.43 -10.22
N LEU B 268 -9.00 -11.48 -9.49
CA LEU B 268 -7.82 -10.72 -9.86
C LEU B 268 -7.20 -11.19 -11.19
N LEU B 269 -7.07 -12.50 -11.34
CA LEU B 269 -6.47 -13.05 -12.55
C LEU B 269 -7.34 -12.82 -13.78
N ALA B 270 -8.65 -12.85 -13.60
CA ALA B 270 -9.58 -12.61 -14.70
C ALA B 270 -9.36 -11.18 -15.21
N GLY B 271 -9.09 -10.28 -14.28
CA GLY B 271 -8.86 -8.89 -14.64
C GLY B 271 -7.55 -8.74 -15.41
N HIS B 272 -6.50 -9.38 -14.90
CA HIS B 272 -5.20 -9.33 -15.52
C HIS B 272 -5.25 -9.93 -16.91
N LEU B 273 -6.01 -11.00 -17.06
CA LEU B 273 -6.16 -11.68 -18.34
C LEU B 273 -7.25 -10.99 -19.15
N GLY B 274 -7.81 -9.92 -18.59
CA GLY B 274 -8.85 -9.19 -19.30
C GLY B 274 -9.96 -10.09 -19.80
N VAL B 275 -10.72 -10.65 -18.87
CA VAL B 275 -11.83 -11.53 -19.22
C VAL B 275 -12.80 -11.67 -18.06
N GLU B 276 -14.08 -11.79 -18.40
CA GLU B 276 -15.15 -11.94 -17.41
C GLU B 276 -15.12 -13.38 -16.90
N ALA B 277 -15.34 -13.57 -15.60
CA ALA B 277 -15.35 -14.91 -15.02
C ALA B 277 -16.63 -15.18 -14.26
N HIS B 281 -17.65 -20.49 -10.57
CA HIS B 281 -18.93 -20.30 -9.89
C HIS B 281 -19.53 -21.65 -9.49
N GLN B 282 -19.37 -22.65 -10.35
CA GLN B 282 -19.91 -23.97 -10.08
C GLN B 282 -18.83 -24.98 -9.65
N HIS B 283 -19.19 -25.86 -8.73
CA HIS B 283 -18.28 -26.89 -8.24
C HIS B 283 -16.93 -26.41 -7.74
N GLY B 284 -16.83 -25.13 -7.42
CA GLY B 284 -15.56 -24.62 -6.94
C GLY B 284 -14.61 -24.20 -8.06
N MSE B 285 -15.11 -24.15 -9.29
CA MSE B 285 -14.30 -23.75 -10.43
C MSE B 285 -14.46 -22.24 -10.54
O MSE B 285 -15.25 -21.76 -11.35
CB MSE B 285 -14.78 -24.44 -11.70
CG MSE B 285 -13.98 -24.10 -12.96
SE MSE B 285 -12.15 -24.62 -12.90
CE MSE B 285 -12.38 -26.52 -12.76
N MSE B 286 -13.70 -21.51 -9.73
CA MSE B 286 -13.79 -20.05 -9.68
C MSE B 286 -13.41 -19.37 -10.98
O MSE B 286 -13.91 -18.28 -11.30
CB MSE B 286 -12.92 -19.53 -8.54
CG MSE B 286 -13.10 -20.32 -7.26
SE MSE B 286 -14.88 -20.20 -6.51
CE MSE B 286 -15.81 -21.47 -7.61
N LEU B 287 -12.53 -20.01 -11.74
CA LEU B 287 -12.11 -19.48 -13.02
C LEU B 287 -11.78 -20.63 -13.92
N ASP B 288 -12.14 -20.49 -15.20
CA ASP B 288 -11.87 -21.51 -16.20
C ASP B 288 -12.03 -20.88 -17.57
N ALA B 289 -11.00 -20.14 -17.98
CA ALA B 289 -11.00 -19.46 -19.27
C ALA B 289 -9.65 -19.64 -19.94
N ASP B 290 -9.69 -19.97 -21.23
CA ASP B 290 -8.48 -20.18 -22.01
C ASP B 290 -7.55 -21.20 -21.37
N SER B 291 -8.15 -22.25 -20.80
CA SER B 291 -7.41 -23.32 -20.15
C SER B 291 -6.83 -22.95 -18.79
N HIS B 292 -7.02 -21.70 -18.38
CA HIS B 292 -6.53 -21.25 -17.08
C HIS B 292 -7.60 -21.60 -16.05
N GLN B 293 -7.19 -22.21 -14.95
CA GLN B 293 -8.15 -22.58 -13.92
C GLN B 293 -7.76 -22.24 -12.49
N ILE B 294 -8.75 -21.75 -11.74
CA ILE B 294 -8.58 -21.43 -10.32
C ILE B 294 -9.63 -22.28 -9.63
N ILE B 295 -9.17 -23.24 -8.84
CA ILE B 295 -10.09 -24.16 -8.18
C ILE B 295 -10.12 -24.06 -6.67
N ASP B 296 -11.33 -24.08 -6.11
CA ASP B 296 -11.54 -24.04 -4.67
C ASP B 296 -11.73 -25.50 -4.23
N LEU B 297 -10.66 -26.14 -3.79
CA LEU B 297 -10.73 -27.53 -3.36
C LEU B 297 -11.52 -27.69 -2.07
N GLY B 298 -11.91 -26.58 -1.47
CA GLY B 298 -12.69 -26.66 -0.25
C GLY B 298 -14.18 -26.81 -0.52
N ASP B 299 -14.55 -26.76 -1.80
CA ASP B 299 -15.95 -26.91 -2.19
C ASP B 299 -16.46 -28.32 -1.91
N ASP B 300 -17.76 -28.46 -1.70
CA ASP B 300 -18.36 -29.77 -1.42
C ASP B 300 -18.03 -30.78 -2.51
N PHE B 301 -17.89 -30.29 -3.73
CA PHE B 301 -17.58 -31.14 -4.87
C PHE B 301 -16.26 -31.90 -4.70
N TYR B 302 -15.37 -31.38 -3.86
CA TYR B 302 -14.07 -32.02 -3.62
C TYR B 302 -13.90 -32.54 -2.20
N THR B 303 -14.89 -32.30 -1.34
CA THR B 303 -14.78 -32.75 0.05
C THR B 303 -15.63 -33.96 0.42
N VAL B 304 -16.34 -34.54 -0.53
CA VAL B 304 -17.17 -35.71 -0.23
C VAL B 304 -16.30 -36.90 0.19
N GLY B 305 -16.58 -37.42 1.38
CA GLY B 305 -15.84 -38.57 1.88
C GLY B 305 -14.44 -38.26 2.38
N ARG B 306 -14.10 -36.98 2.52
CA ARG B 306 -12.77 -36.63 3.00
C ARG B 306 -12.72 -35.32 3.78
N PRO B 307 -11.67 -35.14 4.60
CA PRO B 307 -11.49 -33.93 5.41
C PRO B 307 -11.29 -32.69 4.53
N HIS B 308 -11.59 -31.52 5.08
CA HIS B 308 -11.42 -30.28 4.34
C HIS B 308 -9.95 -30.15 3.98
N PRO B 309 -9.64 -29.63 2.78
CA PRO B 309 -8.24 -29.48 2.36
C PRO B 309 -7.36 -28.61 3.27
N MSE B 310 -7.98 -27.84 4.16
CA MSE B 310 -7.19 -27.01 5.07
C MSE B 310 -6.67 -27.85 6.24
O MSE B 310 -5.71 -27.46 6.91
CB MSE B 310 -8.02 -25.84 5.60
CG MSE B 310 -8.03 -24.61 4.68
SE MSE B 310 -9.14 -23.13 5.27
CE MSE B 310 -8.16 -22.61 6.83
N ILE B 311 -7.28 -29.01 6.49
CA ILE B 311 -6.83 -29.87 7.58
C ILE B 311 -6.14 -31.14 7.08
N ASP B 312 -6.34 -31.49 5.82
CA ASP B 312 -5.69 -32.67 5.22
C ASP B 312 -5.22 -32.30 3.81
N PRO B 313 -3.90 -32.35 3.57
CA PRO B 313 -3.32 -32.00 2.27
C PRO B 313 -3.28 -33.09 1.21
N THR B 314 -3.69 -34.31 1.57
CA THR B 314 -3.66 -35.44 0.65
C THR B 314 -4.13 -35.19 -0.78
N LEU B 315 -5.38 -34.78 -0.95
CA LEU B 315 -5.92 -34.55 -2.28
C LEU B 315 -5.12 -33.56 -3.11
N ARG B 316 -4.98 -32.36 -2.58
CA ARG B 316 -4.25 -31.31 -3.26
C ARG B 316 -2.85 -31.76 -3.66
N ASN B 317 -2.13 -32.37 -2.73
CA ASN B 317 -0.79 -32.85 -2.98
C ASN B 317 -0.80 -33.85 -4.14
N GLN B 318 -1.87 -34.63 -4.23
CA GLN B 318 -2.04 -35.61 -5.29
C GLN B 318 -2.19 -34.87 -6.61
N LEU B 319 -3.07 -33.88 -6.62
CA LEU B 319 -3.33 -33.11 -7.83
C LEU B 319 -2.08 -32.37 -8.29
N ILE B 320 -1.30 -31.89 -7.34
CA ILE B 320 -0.07 -31.17 -7.68
C ILE B 320 0.87 -32.17 -8.35
N ALA B 321 1.11 -33.29 -7.66
CA ALA B 321 1.98 -34.33 -8.19
C ALA B 321 1.54 -34.74 -9.59
N ASP B 322 0.23 -34.82 -9.80
CA ASP B 322 -0.30 -35.22 -11.10
C ASP B 322 -0.02 -34.21 -12.21
N LEU B 323 0.43 -33.00 -11.85
CA LEU B 323 0.71 -31.98 -12.87
C LEU B 323 1.96 -32.31 -13.68
N GLY B 324 2.84 -33.10 -13.11
CA GLY B 324 4.06 -33.46 -13.80
C GLY B 324 3.75 -34.13 -15.13
N ALA B 325 2.57 -34.75 -15.21
CA ALA B 325 2.15 -35.44 -16.42
C ALA B 325 1.39 -34.52 -17.37
N LYS B 326 1.21 -33.26 -16.95
CA LYS B 326 0.51 -32.28 -17.76
C LYS B 326 1.44 -31.13 -18.13
N PRO B 327 2.18 -31.28 -19.25
CA PRO B 327 3.15 -30.32 -19.80
C PRO B 327 2.67 -28.89 -19.98
N GLN B 328 1.48 -28.72 -20.56
CA GLN B 328 0.91 -27.40 -20.81
C GLN B 328 0.71 -26.51 -19.58
N VAL B 329 0.59 -27.11 -18.41
CA VAL B 329 0.41 -26.32 -17.20
C VAL B 329 1.76 -25.75 -16.80
N ARG B 330 1.93 -24.44 -17.01
CA ARG B 330 3.19 -23.78 -16.70
C ARG B 330 3.29 -23.20 -15.30
N VAL B 331 2.18 -22.65 -14.81
CA VAL B 331 2.16 -22.04 -13.50
C VAL B 331 1.16 -22.66 -12.53
N LEU B 332 1.61 -22.85 -11.28
CA LEU B 332 0.77 -23.41 -10.24
C LEU B 332 0.60 -22.39 -9.11
N LEU B 333 -0.63 -21.96 -8.86
CA LEU B 333 -0.91 -21.00 -7.79
C LEU B 333 -1.41 -21.75 -6.56
N LEU B 334 -0.90 -21.39 -5.40
CA LEU B 334 -1.29 -22.04 -4.16
C LEU B 334 -1.43 -21.07 -2.99
N ASP B 335 -2.22 -21.48 -2.01
CA ASP B 335 -2.40 -20.70 -0.80
C ASP B 335 -1.99 -21.67 0.29
N VAL B 336 -1.44 -21.14 1.38
CA VAL B 336 -1.07 -21.99 2.50
C VAL B 336 -1.51 -21.29 3.77
N VAL B 337 -2.60 -21.79 4.34
CA VAL B 337 -3.16 -21.20 5.54
C VAL B 337 -2.70 -21.96 6.78
N ILE B 338 -1.99 -21.28 7.67
CA ILE B 338 -1.53 -21.94 8.89
C ILE B 338 -2.41 -21.48 10.04
N GLY B 339 -2.04 -21.82 11.26
CA GLY B 339 -2.85 -21.43 12.39
C GLY B 339 -3.42 -22.64 13.09
N PHE B 340 -3.93 -22.43 14.29
CA PHE B 340 -4.49 -23.48 15.14
C PHE B 340 -5.20 -24.70 14.52
N GLY B 341 -6.07 -24.49 13.54
CA GLY B 341 -6.78 -25.61 12.98
C GLY B 341 -6.21 -26.32 11.75
N ALA B 342 -5.23 -25.72 11.09
CA ALA B 342 -4.66 -26.32 9.88
C ALA B 342 -3.60 -27.37 10.16
N THR B 343 -3.16 -28.04 9.10
CA THR B 343 -2.13 -29.09 9.20
C THR B 343 -0.92 -28.58 9.96
N ALA B 344 -0.16 -29.51 10.53
CA ALA B 344 1.02 -29.19 11.33
C ALA B 344 2.25 -28.65 10.60
N ASP B 345 2.37 -28.93 9.30
CA ASP B 345 3.50 -28.43 8.54
C ASP B 345 3.22 -28.52 7.05
N PRO B 346 2.27 -27.72 6.56
CA PRO B 346 1.87 -27.68 5.15
C PRO B 346 3.03 -27.67 4.18
N ALA B 347 3.96 -26.74 4.38
CA ALA B 347 5.11 -26.58 3.51
C ALA B 347 5.81 -27.87 3.13
N ALA B 348 6.15 -28.67 4.15
CA ALA B 348 6.84 -29.93 3.93
C ALA B 348 6.19 -30.84 2.90
N SER B 349 4.90 -31.09 3.03
CA SER B 349 4.20 -31.97 2.10
C SER B 349 4.04 -31.35 0.71
N LEU B 350 3.80 -30.05 0.67
CA LEU B 350 3.64 -29.35 -0.61
C LEU B 350 4.91 -29.44 -1.44
N VAL B 351 6.03 -29.21 -0.79
CA VAL B 351 7.32 -29.27 -1.46
C VAL B 351 7.49 -30.65 -2.08
N SER B 352 7.18 -31.68 -1.31
CA SER B 352 7.32 -33.05 -1.74
C SER B 352 6.49 -33.38 -2.98
N ALA B 353 5.22 -33.02 -2.97
CA ALA B 353 4.36 -33.29 -4.12
C ALA B 353 4.84 -32.43 -5.29
N TRP B 354 5.29 -31.23 -4.96
CA TRP B 354 5.78 -30.27 -5.94
C TRP B 354 7.00 -30.87 -6.66
N GLN B 355 7.94 -31.40 -5.90
CA GLN B 355 9.15 -31.98 -6.48
C GLN B 355 8.83 -33.14 -7.42
N LYS B 356 7.88 -33.99 -7.03
CA LYS B 356 7.51 -35.11 -7.88
C LYS B 356 7.06 -34.61 -9.25
N ALA B 357 6.19 -33.60 -9.26
CA ALA B 357 5.71 -33.05 -10.53
C ALA B 357 6.86 -32.56 -11.40
N CYS B 358 7.70 -31.71 -10.81
CA CYS B 358 8.83 -31.16 -11.54
C CYS B 358 9.79 -32.22 -12.07
N ALA B 359 10.00 -33.26 -11.26
CA ALA B 359 10.89 -34.35 -11.65
C ALA B 359 10.35 -35.15 -12.84
N ALA B 360 9.08 -34.96 -13.18
CA ALA B 360 8.48 -35.67 -14.30
C ALA B 360 8.43 -34.83 -15.58
N ARG B 361 8.68 -33.53 -15.43
CA ARG B 361 8.65 -32.62 -16.57
C ARG B 361 9.96 -32.55 -17.33
N LEU B 362 9.88 -32.35 -18.64
CA LEU B 362 11.07 -32.19 -19.45
C LEU B 362 11.50 -30.75 -19.17
N ASP B 363 12.77 -30.45 -19.37
CA ASP B 363 13.29 -29.11 -19.12
C ASP B 363 12.59 -28.01 -19.92
N ASN B 364 12.08 -28.35 -21.09
CA ASN B 364 11.40 -27.36 -21.92
C ASN B 364 9.96 -27.10 -21.48
N GLN B 365 9.46 -27.95 -20.57
CA GLN B 365 8.10 -27.85 -20.05
C GLN B 365 8.11 -27.72 -18.53
N PRO B 366 8.68 -26.64 -17.99
CA PRO B 366 8.73 -26.47 -16.54
C PRO B 366 7.42 -26.08 -15.86
N LEU B 367 7.40 -26.24 -14.54
CA LEU B 367 6.24 -25.88 -13.74
C LEU B 367 6.72 -24.89 -12.70
N TYR B 368 6.25 -23.65 -12.76
CA TYR B 368 6.65 -22.64 -11.78
C TYR B 368 5.59 -22.56 -10.70
N ALA B 369 6.00 -22.62 -9.44
CA ALA B 369 5.04 -22.55 -8.34
C ALA B 369 5.06 -21.18 -7.67
N ILE B 370 3.88 -20.68 -7.31
CA ILE B 370 3.72 -19.38 -6.64
C ILE B 370 2.78 -19.58 -5.46
N ALA B 371 3.22 -19.19 -4.27
CA ALA B 371 2.41 -19.37 -3.10
C ALA B 371 2.22 -18.11 -2.25
N THR B 372 1.06 -17.97 -1.65
CA THR B 372 0.80 -16.85 -0.75
C THR B 372 0.58 -17.57 0.58
N VAL B 373 1.12 -17.04 1.65
CA VAL B 373 0.93 -17.67 2.95
C VAL B 373 0.06 -16.82 3.85
N THR B 374 -0.98 -17.43 4.42
CA THR B 374 -1.88 -16.72 5.32
C THR B 374 -1.66 -17.20 6.75
N GLY B 375 -1.21 -16.29 7.61
CA GLY B 375 -0.96 -16.66 8.99
C GLY B 375 0.17 -15.82 9.56
N THR B 376 0.41 -16.00 10.85
CA THR B 376 1.43 -15.24 11.56
C THR B 376 2.68 -15.98 12.02
N GLU B 377 3.68 -15.19 12.38
CA GLU B 377 4.95 -15.69 12.86
C GLU B 377 4.73 -16.53 14.13
N ARG B 378 3.70 -16.19 14.89
CA ARG B 378 3.41 -16.88 16.15
C ARG B 378 2.59 -18.18 16.01
N ASP B 379 1.95 -18.38 14.87
CA ASP B 379 1.16 -19.61 14.68
C ASP B 379 2.05 -20.81 14.94
N PRO B 380 1.44 -21.97 15.25
CA PRO B 380 2.18 -23.20 15.52
C PRO B 380 3.16 -23.55 14.39
N GLN B 381 2.70 -23.39 13.15
CA GLN B 381 3.53 -23.70 11.99
C GLN B 381 4.62 -22.66 11.72
N CYS B 382 4.46 -21.47 12.31
CA CYS B 382 5.42 -20.38 12.14
C CYS B 382 5.52 -19.90 10.70
N ARG B 383 5.03 -18.70 10.45
CA ARG B 383 5.05 -18.11 9.11
C ARG B 383 6.40 -18.17 8.41
N SER B 384 7.43 -17.56 9.02
CA SER B 384 8.77 -17.53 8.40
C SER B 384 9.33 -18.91 8.11
N GLN B 385 9.08 -19.86 9.01
CA GLN B 385 9.57 -21.22 8.85
C GLN B 385 8.98 -21.84 7.58
N GLN B 386 7.66 -21.70 7.42
CA GLN B 386 6.96 -22.24 6.26
C GLN B 386 7.44 -21.59 4.97
N ILE B 387 7.57 -20.26 4.99
CA ILE B 387 8.03 -19.55 3.80
C ILE B 387 9.43 -20.01 3.39
N ALA B 388 10.27 -20.27 4.40
CA ALA B 388 11.63 -20.72 4.12
C ALA B 388 11.62 -22.08 3.40
N THR B 389 10.89 -23.03 3.97
CA THR B 389 10.81 -24.35 3.38
C THR B 389 10.29 -24.25 1.94
N LEU B 390 9.30 -23.38 1.74
CA LEU B 390 8.74 -23.21 0.41
C LEU B 390 9.75 -22.60 -0.53
N GLU B 391 10.41 -21.54 -0.08
CA GLU B 391 11.41 -20.87 -0.91
C GLU B 391 12.61 -21.77 -1.19
N ASP B 392 13.06 -22.52 -0.18
CA ASP B 392 14.20 -23.42 -0.36
C ASP B 392 14.00 -24.40 -1.51
N ALA B 393 12.75 -24.79 -1.75
CA ALA B 393 12.44 -25.74 -2.82
C ALA B 393 12.14 -25.07 -4.15
N GLY B 394 12.39 -23.76 -4.22
CA GLY B 394 12.15 -23.05 -5.47
C GLY B 394 10.76 -22.51 -5.71
N ILE B 395 9.89 -22.60 -4.71
CA ILE B 395 8.53 -22.09 -4.85
C ILE B 395 8.59 -20.60 -4.55
N ALA B 396 8.01 -19.79 -5.42
CA ALA B 396 8.02 -18.34 -5.23
C ALA B 396 6.95 -17.93 -4.23
N VAL B 397 7.37 -17.30 -3.13
CA VAL B 397 6.42 -16.84 -2.12
C VAL B 397 6.27 -15.32 -2.21
N VAL B 398 5.02 -14.85 -2.37
CA VAL B 398 4.76 -13.43 -2.46
C VAL B 398 3.76 -13.05 -1.35
N SER B 399 3.80 -11.78 -0.94
CA SER B 399 2.96 -11.32 0.18
C SER B 399 1.49 -11.03 -0.08
N SER B 400 1.03 -11.11 -1.32
CA SER B 400 -0.37 -10.83 -1.59
C SER B 400 -0.86 -11.45 -2.88
N LEU B 401 -2.17 -11.69 -2.92
CA LEU B 401 -2.82 -12.28 -4.08
C LEU B 401 -2.67 -11.42 -5.34
N PRO B 402 -2.70 -10.08 -5.18
CA PRO B 402 -2.56 -9.31 -6.42
C PRO B 402 -1.20 -9.59 -7.06
N GLU B 403 -0.15 -9.66 -6.25
CA GLU B 403 1.17 -9.94 -6.80
C GLU B 403 1.27 -11.36 -7.33
N ALA B 404 0.76 -12.32 -6.56
CA ALA B 404 0.79 -13.73 -6.97
C ALA B 404 0.11 -13.92 -8.32
N THR B 405 -1.12 -13.42 -8.44
CA THR B 405 -1.84 -13.57 -9.70
C THR B 405 -1.20 -12.79 -10.84
N LEU B 406 -0.59 -11.64 -10.51
CA LEU B 406 0.05 -10.82 -11.53
C LEU B 406 1.29 -11.52 -12.08
N LEU B 407 2.03 -12.17 -11.19
CA LEU B 407 3.22 -12.91 -11.57
C LEU B 407 2.81 -14.14 -12.38
N ALA B 408 1.72 -14.77 -11.96
CA ALA B 408 1.21 -15.95 -12.64
C ALA B 408 0.98 -15.61 -14.11
N ALA B 409 0.35 -14.45 -14.34
CA ALA B 409 0.05 -13.99 -15.69
C ALA B 409 1.29 -13.52 -16.42
N ALA B 410 2.31 -13.12 -15.67
CA ALA B 410 3.54 -12.65 -16.30
C ALA B 410 4.42 -13.81 -16.75
N LEU B 411 4.34 -14.92 -16.04
CA LEU B 411 5.16 -16.09 -16.36
C LEU B 411 4.67 -16.98 -17.50
N ILE B 412 3.60 -16.58 -18.16
CA ILE B 412 3.06 -17.39 -19.26
C ILE B 412 3.15 -16.72 -20.64
N HIS B 413 4.26 -16.08 -20.97
CA HIS B 413 4.33 -15.45 -22.28
C HIS B 413 5.24 -16.11 -23.32
N PRO B 414 6.57 -15.96 -23.22
CA PRO B 414 7.43 -15.23 -22.29
C PRO B 414 8.38 -14.24 -23.02
N LEU B 415 9.52 -14.76 -23.48
CA LEU B 415 10.56 -13.99 -24.19
C LEU B 415 11.41 -13.25 -23.17
N HIS B 422 20.01 -0.17 -29.00
CA HIS B 422 20.86 -0.24 -27.82
C HIS B 422 20.53 0.90 -26.83
N THR B 423 21.21 0.91 -25.69
CA THR B 423 20.98 1.92 -24.66
C THR B 423 21.57 3.29 -25.01
N PRO B 424 20.77 4.37 -24.88
CA PRO B 424 21.20 5.73 -25.18
C PRO B 424 22.47 6.07 -24.42
N SER B 425 23.46 6.65 -25.10
CA SER B 425 24.74 6.97 -24.46
C SER B 425 24.65 7.85 -23.21
N LEU B 426 23.64 8.72 -23.13
CA LEU B 426 23.48 9.59 -21.97
C LEU B 426 23.10 8.77 -20.73
N LEU B 427 22.41 7.65 -20.94
CA LEU B 427 21.99 6.79 -19.84
C LEU B 427 23.10 5.85 -19.39
N GLU B 428 24.19 5.83 -20.15
CA GLU B 428 25.35 4.99 -19.84
C GLU B 428 26.30 5.74 -18.92
N ASN B 429 26.62 6.96 -19.30
CA ASN B 429 27.51 7.80 -18.50
C ASN B 429 27.16 9.26 -18.72
N VAL B 430 27.26 10.06 -17.66
CA VAL B 430 26.98 11.49 -17.75
C VAL B 430 28.24 12.29 -17.38
N ALA B 431 28.59 13.26 -18.21
CA ALA B 431 29.76 14.11 -17.98
C ALA B 431 29.19 15.51 -18.16
N VAL B 432 29.23 16.30 -17.09
CA VAL B 432 28.64 17.62 -17.10
C VAL B 432 29.49 18.87 -17.22
N ILE B 433 29.03 19.79 -18.07
CA ILE B 433 29.66 21.09 -18.19
C ILE B 433 28.63 21.94 -17.43
N ASN B 434 29.01 22.41 -16.25
CA ASN B 434 28.11 23.20 -15.44
C ASN B 434 28.27 24.67 -15.72
N ILE B 435 27.17 25.36 -15.97
CA ILE B 435 27.32 26.78 -16.31
C ILE B 435 26.82 27.82 -15.31
N GLY B 436 25.57 27.75 -14.88
CA GLY B 436 25.15 28.76 -13.92
C GLY B 436 25.80 28.72 -12.52
N LEU B 437 25.04 28.27 -11.53
CA LEU B 437 25.46 28.17 -10.13
C LEU B 437 26.58 27.17 -9.86
N ARG B 438 27.56 27.62 -9.05
CA ARG B 438 28.72 26.80 -8.70
C ARG B 438 28.38 25.64 -7.78
N SER B 439 27.40 25.83 -6.92
CA SER B 439 26.98 24.77 -5.97
C SER B 439 26.63 23.47 -6.68
N PHE B 440 26.03 23.58 -7.88
CA PHE B 440 25.66 22.38 -8.63
C PHE B 440 26.90 21.62 -9.08
N ALA B 441 27.97 22.33 -9.44
CA ALA B 441 29.20 21.66 -9.85
C ALA B 441 29.88 21.01 -8.63
N LEU B 442 29.89 21.70 -7.49
CA LEU B 442 30.49 21.14 -6.27
C LEU B 442 29.72 19.87 -5.88
N GLU B 443 28.41 19.91 -6.08
CA GLU B 443 27.52 18.80 -5.79
C GLU B 443 27.98 17.58 -6.59
N LEU B 444 28.27 17.82 -7.86
CA LEU B 444 28.73 16.74 -8.74
C LEU B 444 30.13 16.28 -8.36
N GLN B 445 30.99 17.22 -8.00
CA GLN B 445 32.36 16.93 -7.62
C GLN B 445 32.44 16.04 -6.38
N SER B 446 31.59 16.32 -5.38
CA SER B 446 31.59 15.54 -4.16
C SER B 446 31.20 14.08 -4.42
N ALA B 447 30.36 13.87 -5.42
CA ALA B 447 29.94 12.50 -5.75
C ALA B 447 30.91 11.86 -6.76
N SER B 448 32.04 12.51 -6.97
CA SER B 448 33.05 12.01 -7.91
C SER B 448 32.50 11.84 -9.33
N LYS B 449 31.56 12.68 -9.73
CA LYS B 449 31.01 12.60 -11.08
C LYS B 449 31.80 13.55 -11.99
N PRO B 450 32.01 13.16 -13.26
CA PRO B 450 32.76 14.02 -14.17
C PRO B 450 32.10 15.39 -14.31
N VAL B 451 32.87 16.44 -14.08
CA VAL B 451 32.35 17.81 -14.17
C VAL B 451 33.42 18.86 -14.41
N VAL B 452 32.97 19.96 -14.99
CA VAL B 452 33.79 21.14 -15.27
C VAL B 452 32.82 22.30 -15.07
N HIS B 453 33.26 23.31 -14.32
CA HIS B 453 32.42 24.47 -14.06
C HIS B 453 32.81 25.62 -14.99
N TYR B 454 31.87 26.05 -15.80
CA TYR B 454 32.05 27.14 -16.74
C TYR B 454 31.60 28.40 -16.00
N GLN B 455 32.57 29.11 -15.42
CA GLN B 455 32.29 30.34 -14.69
C GLN B 455 31.81 31.31 -15.77
N TRP B 456 30.57 31.75 -15.65
CA TRP B 456 29.94 32.62 -16.64
C TRP B 456 29.23 33.83 -16.04
N SER B 457 29.07 34.88 -16.84
CA SER B 457 28.38 36.10 -16.41
C SER B 457 27.88 36.93 -17.59
N PRO B 458 26.77 37.67 -17.39
CA PRO B 458 26.17 38.53 -18.43
C PRO B 458 27.03 39.75 -18.71
N VAL B 459 27.84 40.13 -17.73
CA VAL B 459 28.71 41.30 -17.83
C VAL B 459 30.17 40.95 -18.12
N ALA B 460 30.73 41.57 -19.17
CA ALA B 460 32.12 41.35 -19.55
C ALA B 460 33.04 41.70 -18.37
N GLY B 461 34.16 41.00 -18.28
CA GLY B 461 35.10 41.22 -17.19
C GLY B 461 35.62 42.64 -17.01
N GLY B 462 35.70 43.41 -18.10
CA GLY B 462 36.23 44.76 -17.99
C GLY B 462 35.35 45.86 -17.42
N ASN B 463 34.06 45.59 -17.25
CA ASN B 463 33.13 46.61 -16.73
C ASN B 463 32.88 46.42 -15.24
N LYS B 464 33.69 47.08 -14.41
CA LYS B 464 33.57 46.96 -12.96
C LYS B 464 32.26 47.48 -12.37
N LYS B 465 31.81 48.65 -12.79
CA LYS B 465 30.56 49.21 -12.26
C LYS B 465 29.35 48.34 -12.59
N LEU B 466 29.21 47.97 -13.85
CA LEU B 466 28.10 47.14 -14.26
C LEU B 466 28.11 45.84 -13.47
N ALA B 467 29.30 45.33 -13.20
CA ALA B 467 29.45 44.10 -12.43
C ALA B 467 28.97 44.32 -11.00
N ARG B 468 29.31 45.47 -10.42
CA ARG B 468 28.89 45.77 -9.06
C ARG B 468 27.37 45.83 -9.04
N LEU B 469 26.81 46.54 -10.02
CA LEU B 469 25.38 46.70 -10.12
C LEU B 469 24.66 45.36 -10.13
N LEU B 470 25.18 44.42 -10.92
CA LEU B 470 24.57 43.11 -11.02
C LEU B 470 24.72 42.35 -9.71
N GLU B 471 25.94 42.34 -9.17
CA GLU B 471 26.21 41.64 -7.92
C GLU B 471 25.28 42.15 -6.81
N ARG B 472 25.01 43.45 -6.79
CA ARG B 472 24.15 44.04 -5.78
C ARG B 472 22.67 43.72 -6.00
N LEU B 473 22.23 43.78 -7.25
CA LEU B 473 20.83 43.50 -7.55
C LEU B 473 20.44 42.03 -7.35
N GLN B 474 21.42 41.18 -7.13
CA GLN B 474 21.14 39.76 -6.92
C GLN B 474 21.36 39.35 -5.46
#